data_1R46
#
_entry.id   1R46
#
_cell.length_a   88.458
_cell.length_b   88.458
_cell.length_c   215.482
_cell.angle_alpha   90.00
_cell.angle_beta   90.00
_cell.angle_gamma   120.00
#
_symmetry.space_group_name_H-M   'P 32 2 1'
#
loop_
_entity.id
_entity.type
_entity.pdbx_description
1 polymer 'Alpha-galactosidase A'
2 branched alpha-D-mannopyranose-(1-3)-[alpha-D-mannopyranose-(1-6)]alpha-D-mannopyranose-(1-4)-2-acetamido-2-deoxy-beta-D-glucopyranose-(1-4)-2-acetamido-2-deoxy-beta-D-glucopyranose
3 branched 2-acetamido-2-deoxy-beta-D-glucopyranose-(1-4)-2-acetamido-2-deoxy-beta-D-glucopyranose
4 branched alpha-D-mannopyranose-(1-3)-[alpha-D-mannopyranose-(1-6)]alpha-D-mannopyranose-(1-4)-2-acetamido-2-deoxy-beta-D-glucopyranose-(1-4)-[alpha-L-fucopyranose-(1-6)]2-acetamido-2-deoxy-beta-D-glucopyranose
5 branched alpha-D-mannopyranose-(1-3)-alpha-D-mannopyranose-(1-4)-2-acetamido-2-deoxy-beta-D-glucopyranose-(1-4)-2-acetamido-2-deoxy-beta-D-glucopyranose
6 non-polymer 2-acetamido-2-deoxy-beta-D-glucopyranose
7 non-polymer 1,2-ETHANEDIOL
8 water water
#
_entity_poly.entity_id   1
_entity_poly.type   'polypeptide(L)'
_entity_poly.pdbx_seq_one_letter_code
;LDNGLARTPTMGWLHWERFMCNLDCQEEPDSCISEKLFMEMAELMVSEGWKDAGYEYLCIDDCWMAPQRDSEGRLQADPQ
RFPHGIRQLANYVHSKGLKLGIYADVGNKTCAGFPGSFGYYDIDAQTFADWGVDLLKFDGCYCDSLENLADGYKHMSLAL
NRTGRSIVYSCEWPLYMWPFQKPNYTEIRQYCNHWRNFADIDDSWKSIKSILDWTSFNQERIVDVAGPGGWNDPDMLVIG
NFGLSWNQQVTQMALWAIMAAPLFMSNDLRHISPQAKALLQDKDVIAINQDPLGKQGYQLRQGDNFEVWERPLSGLAWAV
AMINRQEIGGPRSYTIAVASLGKGVACNPACFITQLLPVKRKLGFYEWTSRLRSHINPTGTVLLQLENTMQMSLKDLL
;
_entity_poly.pdbx_strand_id   A,B
#
loop_
_chem_comp.id
_chem_comp.type
_chem_comp.name
_chem_comp.formula
EDO non-polymer 1,2-ETHANEDIOL 'C2 H6 O2'
FUC L-saccharide, alpha linking alpha-L-fucopyranose 'C6 H12 O5'
MAN D-saccharide, alpha linking alpha-D-mannopyranose 'C6 H12 O6'
NAG D-saccharide, beta linking 2-acetamido-2-deoxy-beta-D-glucopyranose 'C8 H15 N O6'
#
# COMPACT_ATOMS: atom_id res chain seq x y z
N LEU A 1 6.49 -10.65 -32.91
CA LEU A 1 7.01 -10.01 -34.14
C LEU A 1 8.49 -10.33 -34.30
N ASP A 2 8.78 -11.27 -35.20
CA ASP A 2 10.15 -11.67 -35.43
C ASP A 2 10.93 -10.68 -36.28
N ASN A 3 11.36 -9.60 -35.65
CA ASN A 3 12.14 -8.58 -36.34
C ASN A 3 13.50 -8.51 -35.67
N GLY A 4 13.90 -9.60 -35.03
CA GLY A 4 15.17 -9.65 -34.35
C GLY A 4 15.28 -8.68 -33.19
N LEU A 5 14.15 -8.22 -32.68
CA LEU A 5 14.15 -7.31 -31.54
C LEU A 5 13.41 -7.89 -30.35
N ALA A 6 13.79 -7.45 -29.15
CA ALA A 6 13.16 -7.95 -27.94
C ALA A 6 13.32 -9.46 -27.84
N ARG A 7 14.57 -9.93 -27.96
CA ARG A 7 14.84 -11.36 -27.88
C ARG A 7 14.94 -11.67 -26.40
N THR A 8 14.65 -10.65 -25.62
CA THR A 8 14.61 -10.69 -24.15
C THR A 8 13.60 -9.61 -23.88
N PRO A 9 12.92 -9.65 -22.74
CA PRO A 9 11.94 -8.60 -22.48
C PRO A 9 12.59 -7.21 -22.61
N THR A 10 11.82 -6.23 -23.06
CA THR A 10 12.31 -4.86 -23.23
C THR A 10 12.41 -4.14 -21.89
N MET A 11 13.44 -3.31 -21.73
CA MET A 11 13.60 -2.58 -20.49
C MET A 11 13.75 -1.09 -20.76
N GLY A 12 12.89 -0.30 -20.12
CA GLY A 12 12.95 1.14 -20.35
C GLY A 12 12.22 2.00 -19.34
N TRP A 13 11.72 3.14 -19.79
CA TRP A 13 11.00 4.10 -18.94
C TRP A 13 9.86 4.72 -19.74
N LEU A 14 8.71 4.87 -19.10
CA LEU A 14 7.52 5.41 -19.74
C LEU A 14 6.87 6.38 -18.76
N HIS A 15 6.65 7.61 -19.22
CA HIS A 15 6.08 8.63 -18.37
C HIS A 15 4.61 8.48 -17.93
N TRP A 16 3.83 7.64 -18.60
CA TRP A 16 2.42 7.57 -18.24
C TRP A 16 2.00 7.59 -16.78
N GLU A 17 2.02 6.46 -16.09
CA GLU A 17 1.59 6.41 -14.69
C GLU A 17 2.10 7.55 -13.78
N ARG A 18 3.37 7.86 -13.84
CA ARG A 18 3.90 8.92 -12.98
C ARG A 18 3.52 10.34 -13.36
N PHE A 19 3.45 10.62 -14.67
CA PHE A 19 3.12 11.96 -15.15
C PHE A 19 1.81 12.11 -15.93
N MET A 20 1.20 10.99 -16.29
CA MET A 20 -0.04 11.05 -17.02
C MET A 20 0.04 12.11 -18.12
N CYS A 21 -1.01 12.90 -18.27
CA CYS A 21 -1.07 13.93 -19.30
C CYS A 21 -1.14 15.32 -18.70
N ASN A 22 0.01 15.79 -18.21
CA ASN A 22 0.14 17.09 -17.59
C ASN A 22 0.58 18.15 -18.59
N LEU A 23 -0.18 19.24 -18.67
CA LEU A 23 0.12 20.32 -19.61
C LEU A 23 0.27 21.72 -18.99
N ASP A 24 -0.12 21.88 -17.72
CA ASP A 24 0.01 23.18 -17.06
C ASP A 24 1.47 23.45 -16.72
N CYS A 25 2.19 23.96 -17.70
CA CYS A 25 3.60 24.25 -17.55
C CYS A 25 3.80 25.63 -16.97
N GLN A 26 2.68 26.25 -16.62
CA GLN A 26 2.76 27.55 -16.02
C GLN A 26 2.99 27.32 -14.54
N GLU A 27 2.06 26.64 -13.89
CA GLU A 27 2.16 26.38 -12.46
C GLU A 27 2.84 25.06 -12.10
N GLU A 28 3.08 24.21 -13.08
CA GLU A 28 3.73 22.94 -12.81
C GLU A 28 4.62 22.58 -13.97
N PRO A 29 5.80 23.19 -14.04
CA PRO A 29 6.80 22.97 -15.09
C PRO A 29 7.51 21.65 -15.01
N ASP A 30 7.72 21.18 -13.78
CA ASP A 30 8.44 19.92 -13.55
C ASP A 30 7.69 18.62 -13.78
N SER A 31 6.35 18.68 -13.76
CA SER A 31 5.51 17.51 -14.01
C SER A 31 5.00 17.64 -15.42
N CYS A 32 5.08 18.85 -15.94
CA CYS A 32 4.67 19.19 -17.28
C CYS A 32 5.47 18.36 -18.27
N ILE A 33 4.74 17.71 -19.17
CA ILE A 33 5.32 16.85 -20.20
C ILE A 33 5.96 17.66 -21.32
N SER A 34 7.29 17.82 -21.28
CA SER A 34 8.02 18.60 -22.28
C SER A 34 9.38 18.03 -22.58
N GLU A 35 9.89 18.31 -23.77
CA GLU A 35 11.20 17.80 -24.16
C GLU A 35 12.23 18.09 -23.08
N LYS A 36 11.90 19.00 -22.17
CA LYS A 36 12.82 19.33 -21.09
C LYS A 36 12.79 18.19 -20.08
N LEU A 37 11.58 17.69 -19.81
CA LEU A 37 11.42 16.58 -18.87
C LEU A 37 12.26 15.40 -19.31
N PHE A 38 11.90 14.84 -20.46
CA PHE A 38 12.64 13.72 -20.99
C PHE A 38 14.14 14.00 -21.08
N MET A 39 14.47 15.25 -21.44
CA MET A 39 15.86 15.64 -21.59
C MET A 39 16.61 15.46 -20.29
N GLU A 40 15.87 15.53 -19.20
CA GLU A 40 16.45 15.38 -17.87
C GLU A 40 16.54 13.90 -17.50
N MET A 41 15.39 13.21 -17.48
CA MET A 41 15.33 11.79 -17.15
C MET A 41 16.43 11.03 -17.89
N ALA A 42 16.62 11.38 -19.15
CA ALA A 42 17.63 10.74 -19.99
C ALA A 42 19.05 10.88 -19.40
N GLU A 43 19.39 12.09 -18.99
CA GLU A 43 20.70 12.34 -18.40
C GLU A 43 20.86 11.37 -17.25
N LEU A 44 19.87 11.35 -16.37
CA LEU A 44 19.85 10.47 -15.19
C LEU A 44 20.00 8.97 -15.47
N MET A 45 19.17 8.46 -16.37
CA MET A 45 19.22 7.04 -16.71
C MET A 45 20.66 6.62 -16.92
N VAL A 46 21.50 7.58 -17.27
CA VAL A 46 22.92 7.33 -17.50
C VAL A 46 23.65 7.61 -16.19
N SER A 47 23.23 8.68 -15.53
CA SER A 47 23.82 9.08 -14.26
C SER A 47 23.84 7.99 -13.20
N GLU A 48 22.68 7.72 -12.59
CA GLU A 48 22.63 6.69 -11.55
C GLU A 48 22.61 5.27 -12.08
N GLY A 49 23.30 5.07 -13.20
CA GLY A 49 23.42 3.77 -13.83
C GLY A 49 22.19 2.93 -14.15
N TRP A 50 21.15 3.54 -14.71
CA TRP A 50 19.94 2.78 -15.07
C TRP A 50 20.24 2.05 -16.37
N LYS A 51 21.03 2.69 -17.22
CA LYS A 51 21.40 2.11 -18.50
C LYS A 51 22.22 0.88 -18.15
N ASP A 52 23.19 1.08 -17.26
CA ASP A 52 24.09 0.01 -16.81
C ASP A 52 23.33 -1.21 -16.29
N ALA A 53 22.22 -0.97 -15.61
CA ALA A 53 21.44 -2.06 -15.06
C ALA A 53 20.64 -2.83 -16.10
N GLY A 54 20.16 -2.13 -17.13
CA GLY A 54 19.39 -2.81 -18.17
C GLY A 54 18.40 -1.95 -18.94
N TYR A 55 17.85 -0.94 -18.28
CA TYR A 55 16.89 -0.04 -18.92
C TYR A 55 17.62 0.77 -19.96
N GLU A 56 17.12 0.74 -21.19
CA GLU A 56 17.78 1.42 -22.28
C GLU A 56 16.83 2.23 -23.14
N TYR A 57 15.54 1.98 -22.96
CA TYR A 57 14.52 2.67 -23.74
C TYR A 57 13.82 3.79 -22.99
N LEU A 58 13.89 4.99 -23.56
CA LEU A 58 13.25 6.16 -23.00
C LEU A 58 12.04 6.38 -23.88
N CYS A 59 10.86 6.03 -23.39
CA CYS A 59 9.63 6.16 -24.18
C CYS A 59 8.61 7.21 -23.77
N ILE A 60 8.12 7.95 -24.78
CA ILE A 60 7.13 9.00 -24.58
C ILE A 60 5.72 8.47 -24.85
N ASP A 61 4.83 8.62 -23.88
CA ASP A 61 3.46 8.15 -24.03
C ASP A 61 2.57 9.23 -24.65
N ASP A 62 1.26 9.08 -24.47
CA ASP A 62 0.30 10.01 -25.02
C ASP A 62 0.50 11.45 -24.55
N CYS A 63 0.09 12.41 -25.37
CA CYS A 63 0.17 13.83 -25.04
C CYS A 63 1.49 14.51 -25.38
N TRP A 64 2.16 14.03 -26.41
CA TRP A 64 3.43 14.60 -26.81
C TRP A 64 3.28 15.40 -28.08
N MET A 65 2.17 15.16 -28.77
CA MET A 65 1.88 15.79 -30.04
C MET A 65 1.12 17.12 -30.02
N ALA A 66 1.16 17.80 -31.16
CA ALA A 66 0.46 19.06 -31.32
C ALA A 66 -0.90 18.76 -31.93
N PRO A 67 -1.89 19.59 -31.61
CA PRO A 67 -3.30 19.58 -32.03
C PRO A 67 -3.64 18.94 -33.36
N GLN A 68 -2.86 19.20 -34.40
CA GLN A 68 -3.15 18.60 -35.71
C GLN A 68 -1.98 18.62 -36.69
N ARG A 69 -2.05 17.71 -37.65
CA ARG A 69 -1.03 17.54 -38.68
C ARG A 69 -0.52 18.86 -39.23
N ASP A 70 0.58 18.78 -39.96
CA ASP A 70 1.17 19.94 -40.58
C ASP A 70 0.60 20.04 -41.98
N SER A 71 1.09 21.02 -42.74
CA SER A 71 0.66 21.25 -44.11
C SER A 71 0.75 19.97 -44.93
N GLU A 72 1.92 19.33 -44.83
CA GLU A 72 2.23 18.08 -45.52
C GLU A 72 1.33 16.91 -45.10
N GLY A 73 0.69 17.02 -43.94
CA GLY A 73 -0.18 15.94 -43.48
C GLY A 73 0.37 15.02 -42.40
N ARG A 74 1.65 15.22 -42.05
CA ARG A 74 2.30 14.41 -41.01
C ARG A 74 1.92 14.91 -39.62
N LEU A 75 2.39 14.21 -38.59
CA LEU A 75 2.11 14.60 -37.20
C LEU A 75 3.17 15.62 -36.79
N GLN A 76 3.00 16.22 -35.62
CA GLN A 76 3.99 17.18 -35.15
C GLN A 76 4.01 17.35 -33.65
N ALA A 77 5.22 17.45 -33.09
CA ALA A 77 5.37 17.62 -31.65
C ALA A 77 4.83 18.97 -31.25
N ASP A 78 4.13 19.03 -30.12
CA ASP A 78 3.55 20.29 -29.66
C ASP A 78 4.58 21.41 -29.80
N PRO A 79 4.19 22.53 -30.43
CA PRO A 79 5.09 23.68 -30.62
C PRO A 79 5.71 24.24 -29.34
N GLN A 80 4.87 24.40 -28.31
CA GLN A 80 5.32 24.95 -27.05
C GLN A 80 6.12 24.02 -26.15
N ARG A 81 5.68 22.78 -26.01
CA ARG A 81 6.34 21.82 -25.13
C ARG A 81 7.42 20.96 -25.79
N PHE A 82 7.48 21.02 -27.11
CA PHE A 82 8.47 20.27 -27.88
C PHE A 82 8.91 21.12 -29.08
N PRO A 83 9.49 22.31 -28.81
CA PRO A 83 9.96 23.24 -29.82
C PRO A 83 10.97 22.69 -30.81
N HIS A 84 11.96 21.97 -30.30
CA HIS A 84 13.01 21.44 -31.16
C HIS A 84 12.64 20.18 -31.95
N GLY A 85 11.49 19.60 -31.65
CA GLY A 85 11.05 18.44 -32.40
C GLY A 85 11.74 17.13 -32.08
N ILE A 86 11.00 16.02 -32.23
CA ILE A 86 11.52 14.70 -31.90
C ILE A 86 12.89 14.34 -32.46
N ARG A 87 13.10 14.54 -33.76
CA ARG A 87 14.37 14.22 -34.39
C ARG A 87 15.55 14.67 -33.53
N GLN A 88 15.53 15.95 -33.15
CA GLN A 88 16.59 16.51 -32.33
C GLN A 88 16.60 15.82 -30.98
N LEU A 89 15.43 15.52 -30.44
CA LEU A 89 15.35 14.82 -29.16
C LEU A 89 15.99 13.45 -29.34
N ALA A 90 15.41 12.65 -30.23
CA ALA A 90 15.95 11.34 -30.49
C ALA A 90 17.48 11.44 -30.53
N ASN A 91 17.97 12.45 -31.26
CA ASN A 91 19.40 12.68 -31.39
C ASN A 91 20.04 12.66 -30.00
N TYR A 92 19.64 13.62 -29.14
CA TYR A 92 20.23 13.66 -27.79
C TYR A 92 20.22 12.28 -27.17
N VAL A 93 19.01 11.75 -27.01
CA VAL A 93 18.84 10.44 -26.43
C VAL A 93 19.95 9.51 -26.95
N HIS A 94 20.04 9.44 -28.26
CA HIS A 94 21.02 8.58 -28.91
C HIS A 94 22.40 8.99 -28.46
N SER A 95 22.68 10.29 -28.52
CA SER A 95 23.98 10.81 -28.11
C SER A 95 24.39 10.20 -26.77
N LYS A 96 23.41 9.92 -25.92
CA LYS A 96 23.70 9.37 -24.60
C LYS A 96 23.58 7.84 -24.46
N GLY A 97 23.48 7.16 -25.59
CA GLY A 97 23.41 5.72 -25.55
C GLY A 97 22.02 5.12 -25.47
N LEU A 98 21.01 5.94 -25.28
CA LEU A 98 19.66 5.42 -25.19
C LEU A 98 18.88 5.40 -26.49
N LYS A 99 17.68 4.82 -26.44
CA LYS A 99 16.81 4.72 -27.61
C LYS A 99 15.48 5.40 -27.29
N LEU A 100 14.94 6.14 -28.25
CA LEU A 100 13.69 6.86 -28.03
C LEU A 100 12.44 6.08 -28.45
N GLY A 101 11.42 6.10 -27.60
CA GLY A 101 10.18 5.44 -27.91
C GLY A 101 9.07 6.47 -27.96
N ILE A 102 8.11 6.27 -28.86
CA ILE A 102 7.02 7.25 -29.00
C ILE A 102 5.62 6.63 -28.95
N TYR A 103 4.64 7.45 -28.62
CA TYR A 103 3.25 7.02 -28.54
C TYR A 103 2.46 7.35 -29.81
N ALA A 104 1.58 6.45 -30.21
CA ALA A 104 0.78 6.64 -31.41
C ALA A 104 -0.61 6.14 -31.11
N ASP A 105 -1.39 5.86 -32.15
CA ASP A 105 -2.74 5.35 -31.97
C ASP A 105 -3.42 4.98 -33.27
N VAL A 106 -4.01 3.78 -33.27
CA VAL A 106 -4.68 3.22 -34.45
C VAL A 106 -5.99 3.91 -34.86
N GLY A 107 -6.73 4.43 -33.88
CA GLY A 107 -7.99 5.09 -34.19
C GLY A 107 -7.95 6.49 -34.78
N ASN A 108 -9.04 7.22 -34.59
CA ASN A 108 -9.17 8.59 -35.08
C ASN A 108 -8.52 9.60 -34.11
N LYS A 109 -8.26 9.17 -32.87
CA LYS A 109 -7.64 10.01 -31.81
C LYS A 109 -6.90 9.14 -30.80
N THR A 110 -5.98 9.73 -30.05
CA THR A 110 -5.26 8.99 -29.04
C THR A 110 -6.25 9.05 -27.90
N CYS A 111 -6.03 8.28 -26.84
CA CYS A 111 -6.97 8.28 -25.74
C CYS A 111 -7.05 9.67 -25.15
N ALA A 112 -6.04 10.48 -25.49
CA ALA A 112 -5.95 11.84 -25.02
C ALA A 112 -6.77 12.78 -25.88
N GLY A 113 -7.05 12.35 -27.11
CA GLY A 113 -7.83 13.17 -28.01
C GLY A 113 -7.00 13.67 -29.19
N PHE A 114 -5.70 13.79 -28.97
CA PHE A 114 -4.82 14.25 -30.01
C PHE A 114 -4.97 13.38 -31.24
N PRO A 115 -4.59 13.91 -32.42
CA PRO A 115 -4.66 13.20 -33.70
C PRO A 115 -4.45 11.70 -33.62
N GLY A 116 -5.18 10.96 -34.45
CA GLY A 116 -5.05 9.51 -34.45
C GLY A 116 -4.03 9.10 -35.48
N SER A 117 -4.32 8.07 -36.25
CA SER A 117 -3.41 7.62 -37.28
C SER A 117 -4.14 6.81 -38.33
N PHE A 118 -5.46 6.91 -38.32
CA PHE A 118 -6.30 6.19 -39.26
C PHE A 118 -6.04 6.74 -40.66
N GLY A 119 -5.62 5.87 -41.57
CA GLY A 119 -5.32 6.31 -42.91
C GLY A 119 -4.16 7.29 -42.83
N TYR A 120 -3.08 6.85 -42.20
CA TYR A 120 -1.88 7.66 -42.00
C TYR A 120 -0.72 6.75 -41.63
N TYR A 121 -1.09 5.55 -41.21
CA TYR A 121 -0.13 4.56 -40.78
C TYR A 121 1.14 4.71 -41.58
N ASP A 122 1.05 4.53 -42.89
CA ASP A 122 2.22 4.63 -43.75
C ASP A 122 2.97 5.95 -43.52
N ILE A 123 2.31 7.07 -43.76
CA ILE A 123 2.94 8.38 -43.59
C ILE A 123 3.61 8.46 -42.23
N ASP A 124 2.85 8.12 -41.21
CA ASP A 124 3.33 8.15 -39.84
C ASP A 124 4.57 7.28 -39.63
N ALA A 125 4.50 6.05 -40.10
CA ALA A 125 5.62 5.15 -39.94
C ALA A 125 6.90 5.78 -40.48
N GLN A 126 6.86 6.25 -41.72
CA GLN A 126 8.02 6.86 -42.35
C GLN A 126 8.51 8.04 -41.52
N THR A 127 7.56 8.81 -41.02
CA THR A 127 7.86 9.96 -40.20
C THR A 127 8.67 9.52 -38.98
N PHE A 128 8.11 8.61 -38.17
CA PHE A 128 8.79 8.12 -36.96
C PHE A 128 10.15 7.61 -37.34
N ALA A 129 10.16 6.74 -38.35
CA ALA A 129 11.38 6.15 -38.84
C ALA A 129 12.35 7.26 -39.13
N ASP A 130 11.89 8.20 -39.94
CA ASP A 130 12.71 9.33 -40.32
C ASP A 130 13.23 10.02 -39.07
N TRP A 131 12.31 10.37 -38.17
CA TRP A 131 12.65 11.06 -36.94
C TRP A 131 13.76 10.40 -36.16
N GLY A 132 13.89 9.08 -36.37
CA GLY A 132 14.91 8.30 -35.68
C GLY A 132 14.37 7.64 -34.43
N VAL A 133 13.13 7.14 -34.51
CA VAL A 133 12.50 6.49 -33.38
C VAL A 133 13.00 5.06 -33.25
N ASP A 134 12.89 4.50 -32.05
CA ASP A 134 13.35 3.13 -31.80
C ASP A 134 12.24 2.20 -31.30
N LEU A 135 11.11 2.79 -30.93
CA LEU A 135 10.01 2.00 -30.43
C LEU A 135 8.72 2.78 -30.50
N LEU A 136 7.64 2.08 -30.89
CA LEU A 136 6.32 2.69 -31.02
C LEU A 136 5.27 2.00 -30.14
N LYS A 137 4.67 2.74 -29.23
CA LYS A 137 3.63 2.17 -28.41
C LYS A 137 2.37 2.56 -29.16
N PHE A 138 1.79 1.59 -29.85
CA PHE A 138 0.57 1.85 -30.61
C PHE A 138 -0.71 1.59 -29.78
N ASP A 139 -1.29 2.66 -29.26
CA ASP A 139 -2.50 2.57 -28.44
C ASP A 139 -3.73 2.41 -29.30
N GLY A 140 -4.80 1.83 -28.73
CA GLY A 140 -6.00 1.60 -29.50
C GLY A 140 -7.30 2.26 -29.06
N CYS A 141 -7.35 3.58 -29.05
CA CYS A 141 -8.57 4.25 -28.67
C CYS A 141 -9.21 4.86 -29.89
N TYR A 142 -10.54 4.78 -29.98
CA TYR A 142 -11.27 5.37 -31.09
C TYR A 142 -11.19 4.65 -32.42
N CYS A 143 -12.13 3.74 -32.66
CA CYS A 143 -12.20 3.04 -33.94
C CYS A 143 -13.49 2.24 -33.98
N ASP A 144 -14.19 2.31 -35.11
CA ASP A 144 -15.45 1.63 -35.30
C ASP A 144 -15.50 0.20 -34.77
N SER A 145 -14.97 -0.72 -35.56
CA SER A 145 -14.98 -2.12 -35.18
C SER A 145 -13.62 -2.76 -35.19
N LEU A 146 -13.59 -4.03 -34.80
CA LEU A 146 -12.36 -4.82 -34.76
C LEU A 146 -11.77 -4.83 -36.15
N GLU A 147 -12.63 -4.62 -37.14
CA GLU A 147 -12.20 -4.57 -38.53
C GLU A 147 -11.13 -3.49 -38.58
N ASN A 148 -11.57 -2.24 -38.44
CA ASN A 148 -10.66 -1.12 -38.47
C ASN A 148 -9.51 -1.36 -37.51
N LEU A 149 -9.83 -1.87 -36.32
CA LEU A 149 -8.80 -2.14 -35.31
C LEU A 149 -7.78 -3.16 -35.77
N ALA A 150 -8.12 -4.43 -35.65
CA ALA A 150 -7.23 -5.52 -36.02
C ALA A 150 -6.40 -5.26 -37.26
N ASP A 151 -6.97 -4.54 -38.22
CA ASP A 151 -6.27 -4.24 -39.46
C ASP A 151 -5.31 -3.07 -39.25
N GLY A 152 -5.74 -2.11 -38.45
CA GLY A 152 -4.89 -0.96 -38.18
C GLY A 152 -3.60 -1.48 -37.58
N TYR A 153 -3.73 -2.39 -36.62
CA TYR A 153 -2.57 -2.97 -35.96
C TYR A 153 -1.68 -3.73 -36.92
N LYS A 154 -2.26 -4.68 -37.65
CA LYS A 154 -1.50 -5.46 -38.61
C LYS A 154 -0.86 -4.55 -39.66
N HIS A 155 -1.62 -3.54 -40.09
CA HIS A 155 -1.11 -2.62 -41.10
C HIS A 155 0.12 -1.88 -40.61
N MET A 156 -0.06 -1.04 -39.59
CA MET A 156 1.04 -0.26 -39.03
C MET A 156 2.27 -1.14 -38.84
N SER A 157 2.05 -2.39 -38.43
CA SER A 157 3.15 -3.31 -38.23
C SER A 157 4.01 -3.39 -39.47
N LEU A 158 3.38 -3.74 -40.58
CA LEU A 158 4.09 -3.87 -41.85
C LEU A 158 4.74 -2.54 -42.26
N ALA A 159 3.99 -1.46 -42.07
CA ALA A 159 4.47 -0.14 -42.42
C ALA A 159 5.86 0.03 -41.85
N LEU A 160 5.98 -0.18 -40.54
CA LEU A 160 7.24 -0.02 -39.85
C LEU A 160 8.37 -0.86 -40.44
N ASN A 161 8.17 -2.15 -40.59
CA ASN A 161 9.22 -3.01 -41.13
C ASN A 161 9.63 -2.42 -42.45
N ARG A 162 8.65 -1.89 -43.16
CA ARG A 162 8.88 -1.29 -44.46
C ARG A 162 9.90 -0.15 -44.35
N THR A 163 9.62 0.83 -43.52
CA THR A 163 10.53 1.97 -43.37
C THR A 163 11.99 1.55 -43.31
N GLY A 164 12.25 0.32 -42.90
CA GLY A 164 13.63 -0.15 -42.81
C GLY A 164 14.26 0.01 -41.43
N ARG A 165 13.78 1.01 -40.71
CA ARG A 165 14.27 1.29 -39.36
C ARG A 165 13.83 0.14 -38.45
N SER A 166 14.71 -0.22 -37.52
CA SER A 166 14.41 -1.29 -36.56
C SER A 166 13.60 -0.65 -35.42
N ILE A 167 12.31 -0.93 -35.38
CA ILE A 167 11.43 -0.36 -34.35
C ILE A 167 10.65 -1.37 -33.52
N VAL A 168 10.85 -1.33 -32.21
CA VAL A 168 10.13 -2.24 -31.32
C VAL A 168 8.68 -1.84 -31.44
N TYR A 169 7.81 -2.83 -31.61
CA TYR A 169 6.39 -2.57 -31.76
C TYR A 169 5.60 -3.10 -30.56
N SER A 170 5.07 -2.18 -29.75
CA SER A 170 4.29 -2.50 -28.56
C SER A 170 2.82 -2.26 -28.84
N CYS A 171 2.06 -3.35 -28.92
CA CYS A 171 0.65 -3.25 -29.22
C CYS A 171 -0.24 -3.35 -27.99
N GLU A 172 -1.41 -2.72 -28.07
CA GLU A 172 -2.37 -2.73 -26.99
C GLU A 172 -3.57 -3.47 -27.57
N TRP A 173 -3.29 -4.16 -28.66
CA TRP A 173 -4.29 -4.92 -29.40
C TRP A 173 -5.25 -5.81 -28.59
N PRO A 174 -4.73 -6.82 -27.88
CA PRO A 174 -5.60 -7.70 -27.10
C PRO A 174 -6.54 -6.94 -26.19
N LEU A 175 -5.96 -6.09 -25.38
CA LEU A 175 -6.73 -5.31 -24.41
C LEU A 175 -8.02 -4.78 -24.97
N TYR A 176 -8.07 -4.59 -26.28
CA TYR A 176 -9.28 -4.03 -26.85
C TYR A 176 -10.27 -5.04 -27.43
N MET A 177 -9.77 -6.18 -27.88
CA MET A 177 -10.66 -7.19 -28.41
C MET A 177 -11.48 -7.80 -27.26
N TRP A 178 -11.03 -7.57 -26.03
CA TRP A 178 -11.77 -8.03 -24.85
C TRP A 178 -12.70 -6.84 -24.55
N PRO A 179 -13.99 -7.10 -24.29
CA PRO A 179 -14.60 -8.42 -24.27
C PRO A 179 -15.56 -8.58 -25.43
N PHE A 180 -15.06 -9.15 -26.52
CA PHE A 180 -15.90 -9.35 -27.69
C PHE A 180 -15.58 -10.71 -28.26
N GLN A 181 -14.33 -11.12 -28.07
CA GLN A 181 -13.85 -12.40 -28.55
C GLN A 181 -12.40 -12.49 -28.19
N LYS A 182 -12.02 -13.58 -27.54
CA LYS A 182 -10.64 -13.77 -27.14
C LYS A 182 -9.85 -13.54 -28.40
N PRO A 183 -8.67 -12.94 -28.30
CA PRO A 183 -7.89 -12.70 -29.51
C PRO A 183 -7.05 -13.91 -29.91
N ASN A 184 -6.73 -14.01 -31.19
CA ASN A 184 -5.90 -15.12 -31.67
C ASN A 184 -4.43 -14.79 -31.44
N TYR A 185 -4.04 -14.81 -30.18
CA TYR A 185 -2.68 -14.50 -29.73
C TYR A 185 -1.57 -14.94 -30.66
N THR A 186 -1.71 -16.11 -31.26
CA THR A 186 -0.65 -16.58 -32.14
C THR A 186 -0.50 -15.61 -33.28
N GLU A 187 -1.62 -15.06 -33.72
CA GLU A 187 -1.62 -14.09 -34.82
C GLU A 187 -0.96 -12.80 -34.36
N ILE A 188 -1.47 -12.27 -33.27
CA ILE A 188 -0.95 -11.05 -32.69
C ILE A 188 0.55 -11.14 -32.52
N ARG A 189 1.03 -12.35 -32.27
CA ARG A 189 2.44 -12.53 -32.06
C ARG A 189 3.20 -12.31 -33.34
N GLN A 190 2.50 -12.42 -34.45
CA GLN A 190 3.16 -12.25 -35.73
C GLN A 190 3.23 -10.81 -36.16
N TYR A 191 2.77 -9.92 -35.30
CA TYR A 191 2.75 -8.50 -35.61
C TYR A 191 3.26 -7.60 -34.49
N CYS A 192 3.51 -8.16 -33.30
CA CYS A 192 3.96 -7.33 -32.17
C CYS A 192 5.09 -7.89 -31.33
N ASN A 193 5.92 -7.00 -30.81
CA ASN A 193 7.05 -7.40 -29.95
C ASN A 193 6.55 -7.71 -28.54
N HIS A 194 5.38 -7.15 -28.23
CA HIS A 194 4.68 -7.35 -26.97
C HIS A 194 3.36 -6.59 -26.93
N TRP A 195 2.38 -7.15 -26.25
CA TRP A 195 1.04 -6.56 -26.19
C TRP A 195 0.43 -6.44 -24.78
N ARG A 196 -0.53 -5.54 -24.64
CA ARG A 196 -1.22 -5.33 -23.37
C ARG A 196 -2.38 -6.34 -23.29
N ASN A 197 -2.68 -6.81 -22.10
CA ASN A 197 -3.77 -7.76 -21.90
C ASN A 197 -4.88 -7.17 -21.03
N PHE A 198 -4.56 -6.86 -19.78
CA PHE A 198 -5.51 -6.30 -18.80
C PHE A 198 -5.40 -4.79 -18.78
N ALA A 199 -6.41 -4.13 -18.20
CA ALA A 199 -6.48 -2.66 -18.10
C ALA A 199 -5.18 -1.96 -17.64
N ASP A 200 -5.21 -0.64 -17.49
CA ASP A 200 -4.02 0.10 -17.04
C ASP A 200 -3.69 -0.13 -15.57
N ILE A 201 -2.71 0.60 -15.04
CA ILE A 201 -2.34 0.37 -13.65
C ILE A 201 -2.19 1.61 -12.77
N ASP A 202 -2.69 1.54 -11.53
CA ASP A 202 -2.61 2.64 -10.56
C ASP A 202 -1.47 2.37 -9.61
N ASP A 203 -1.02 3.42 -8.93
CA ASP A 203 0.04 3.27 -7.94
C ASP A 203 -0.68 2.73 -6.71
N SER A 204 -1.18 1.50 -6.83
CA SER A 204 -1.93 0.86 -5.76
C SER A 204 -1.71 -0.65 -5.69
N TRP A 205 -1.80 -1.21 -4.49
CA TRP A 205 -1.63 -2.65 -4.34
C TRP A 205 -2.78 -3.35 -5.06
N LYS A 206 -3.97 -2.78 -4.95
CA LYS A 206 -5.17 -3.36 -5.56
C LYS A 206 -4.94 -3.63 -7.03
N SER A 207 -4.46 -2.59 -7.70
CA SER A 207 -4.18 -2.65 -9.12
C SER A 207 -3.19 -3.74 -9.44
N ILE A 208 -2.22 -3.94 -8.57
CA ILE A 208 -1.26 -4.98 -8.86
C ILE A 208 -1.92 -6.31 -8.60
N LYS A 209 -2.61 -6.43 -7.48
CA LYS A 209 -3.26 -7.69 -7.17
C LYS A 209 -4.06 -8.12 -8.37
N SER A 210 -5.04 -7.30 -8.74
CA SER A 210 -5.89 -7.60 -9.89
C SER A 210 -5.11 -8.07 -11.14
N ILE A 211 -4.09 -7.33 -11.55
CA ILE A 211 -3.32 -7.74 -12.73
C ILE A 211 -2.81 -9.17 -12.59
N LEU A 212 -2.23 -9.50 -11.45
CA LEU A 212 -1.73 -10.84 -11.24
C LEU A 212 -2.90 -11.81 -11.30
N ASP A 213 -3.94 -11.51 -10.51
CA ASP A 213 -5.13 -12.34 -10.46
C ASP A 213 -5.73 -12.61 -11.82
N TRP A 214 -5.69 -11.62 -12.69
CA TRP A 214 -6.26 -11.81 -13.99
C TRP A 214 -5.31 -12.62 -14.87
N THR A 215 -4.04 -12.21 -14.91
CA THR A 215 -3.03 -12.90 -15.71
C THR A 215 -2.93 -14.36 -15.29
N SER A 216 -3.10 -14.58 -13.98
CA SER A 216 -3.06 -15.90 -13.39
C SER A 216 -4.20 -16.76 -13.91
N PHE A 217 -5.40 -16.21 -13.85
CA PHE A 217 -6.62 -16.89 -14.27
C PHE A 217 -6.74 -16.91 -15.78
N ASN A 218 -5.61 -16.90 -16.48
CA ASN A 218 -5.63 -16.86 -17.94
C ASN A 218 -4.39 -17.41 -18.61
N GLN A 219 -3.39 -17.80 -17.83
CA GLN A 219 -2.17 -18.31 -18.43
C GLN A 219 -2.45 -19.23 -19.60
N GLU A 220 -3.56 -19.95 -19.53
CA GLU A 220 -3.95 -20.86 -20.59
C GLU A 220 -3.70 -20.28 -21.97
N ARG A 221 -4.32 -19.14 -22.25
CA ARG A 221 -4.18 -18.51 -23.55
C ARG A 221 -2.89 -17.70 -23.77
N ILE A 222 -2.44 -17.03 -22.73
CA ILE A 222 -1.27 -16.18 -22.84
C ILE A 222 0.08 -16.77 -22.48
N VAL A 223 0.19 -17.32 -21.26
CA VAL A 223 1.45 -17.89 -20.78
C VAL A 223 2.23 -18.66 -21.85
N ASP A 224 1.50 -19.21 -22.81
CA ASP A 224 2.10 -20.00 -23.88
C ASP A 224 2.80 -19.20 -25.01
N VAL A 225 2.03 -18.46 -25.81
CA VAL A 225 2.56 -17.69 -26.92
C VAL A 225 3.67 -16.71 -26.58
N ALA A 226 4.09 -16.73 -25.33
CA ALA A 226 5.15 -15.83 -24.89
C ALA A 226 6.52 -16.39 -25.27
N GLY A 227 7.45 -15.52 -25.65
CA GLY A 227 8.78 -15.98 -26.01
C GLY A 227 9.52 -14.88 -26.76
N PRO A 228 10.78 -15.10 -27.16
CA PRO A 228 11.53 -14.09 -27.89
C PRO A 228 10.72 -13.52 -29.05
N GLY A 229 10.75 -12.20 -29.19
CA GLY A 229 10.04 -11.53 -30.26
C GLY A 229 8.76 -10.90 -29.76
N GLY A 230 8.02 -11.64 -28.96
CA GLY A 230 6.77 -11.14 -28.42
C GLY A 230 6.52 -11.57 -26.99
N TRP A 231 6.14 -10.62 -26.14
CA TRP A 231 5.89 -10.91 -24.73
C TRP A 231 4.56 -10.38 -24.24
N ASN A 232 4.15 -10.86 -23.08
CA ASN A 232 2.91 -10.38 -22.49
C ASN A 232 3.34 -9.21 -21.62
N ASP A 233 2.71 -8.07 -21.80
CA ASP A 233 3.05 -6.85 -21.05
C ASP A 233 1.93 -6.47 -20.11
N PRO A 234 2.12 -6.66 -18.79
CA PRO A 234 1.15 -6.34 -17.73
C PRO A 234 0.95 -4.85 -17.69
N ASP A 235 2.06 -4.15 -17.53
CA ASP A 235 2.14 -2.69 -17.51
C ASP A 235 3.34 -2.21 -16.72
N MET A 236 3.65 -0.93 -16.87
CA MET A 236 4.77 -0.30 -16.22
C MET A 236 5.03 -0.70 -14.77
N LEU A 237 6.28 -0.56 -14.35
CA LEU A 237 6.65 -0.85 -12.99
C LEU A 237 6.42 0.45 -12.22
N VAL A 238 5.45 0.44 -11.32
CA VAL A 238 5.10 1.61 -10.52
C VAL A 238 5.93 1.71 -9.25
N ILE A 239 7.05 0.96 -9.21
CA ILE A 239 7.97 0.96 -8.06
C ILE A 239 8.74 2.27 -8.08
N GLY A 240 8.96 2.84 -6.90
CA GLY A 240 9.66 4.12 -6.82
C GLY A 240 8.70 5.24 -6.50
N ASN A 241 7.40 4.99 -6.71
CA ASN A 241 6.32 5.96 -6.47
C ASN A 241 5.91 6.01 -5.01
N PHE A 242 4.60 5.91 -4.75
CA PHE A 242 4.07 5.99 -3.37
C PHE A 242 2.99 5.01 -2.92
N GLY A 243 2.18 4.53 -3.86
CA GLY A 243 1.10 3.62 -3.52
C GLY A 243 1.47 2.27 -2.96
N LEU A 244 2.69 1.81 -3.26
CA LEU A 244 3.16 0.51 -2.79
C LEU A 244 4.09 0.52 -1.59
N SER A 245 4.08 -0.59 -0.86
CA SER A 245 4.89 -0.75 0.32
C SER A 245 6.15 -1.55 -0.03
N TRP A 246 7.01 -1.75 0.95
CA TRP A 246 8.24 -2.46 0.69
C TRP A 246 7.95 -3.84 0.21
N ASN A 247 7.21 -4.56 1.03
CA ASN A 247 6.92 -5.92 0.63
C ASN A 247 6.01 -5.95 -0.59
N GLN A 248 5.37 -4.82 -0.89
CA GLN A 248 4.53 -4.74 -2.06
C GLN A 248 5.32 -4.46 -3.34
N GLN A 249 6.30 -3.55 -3.29
CA GLN A 249 7.11 -3.26 -4.45
C GLN A 249 7.92 -4.49 -4.89
N VAL A 250 8.56 -5.18 -3.94
CA VAL A 250 9.35 -6.37 -4.28
C VAL A 250 8.47 -7.31 -5.05
N THR A 251 7.24 -7.48 -4.56
CA THR A 251 6.30 -8.38 -5.21
C THR A 251 6.20 -8.04 -6.68
N GLN A 252 5.97 -6.76 -6.98
CA GLN A 252 5.85 -6.40 -8.38
C GLN A 252 7.10 -6.72 -9.18
N MET A 253 8.28 -6.35 -8.67
CA MET A 253 9.50 -6.63 -9.40
C MET A 253 9.70 -8.14 -9.54
N ALA A 254 9.58 -8.83 -8.42
CA ALA A 254 9.75 -10.27 -8.40
C ALA A 254 8.83 -10.92 -9.39
N LEU A 255 7.57 -10.55 -9.37
CA LEU A 255 6.65 -11.17 -10.30
C LEU A 255 6.75 -10.73 -11.74
N TRP A 256 7.21 -9.51 -12.02
CA TRP A 256 7.36 -9.07 -13.41
C TRP A 256 8.50 -9.90 -14.04
N ALA A 257 9.36 -10.36 -13.14
CA ALA A 257 10.49 -11.17 -13.52
C ALA A 257 9.97 -12.54 -13.90
N ILE A 258 9.08 -13.06 -13.09
CA ILE A 258 8.53 -14.38 -13.34
C ILE A 258 7.74 -14.42 -14.64
N MET A 259 7.10 -13.30 -14.99
CA MET A 259 6.29 -13.24 -16.22
C MET A 259 6.98 -12.73 -17.45
N ALA A 260 8.32 -12.80 -17.45
CA ALA A 260 9.10 -12.35 -18.59
C ALA A 260 8.33 -11.20 -19.16
N ALA A 261 8.15 -10.19 -18.33
CA ALA A 261 7.41 -9.01 -18.72
C ALA A 261 8.32 -7.87 -19.09
N PRO A 262 7.86 -6.98 -19.97
CA PRO A 262 8.71 -5.84 -20.37
C PRO A 262 8.87 -4.96 -19.15
N LEU A 263 10.10 -4.61 -18.83
CA LEU A 263 10.33 -3.77 -17.66
C LEU A 263 10.36 -2.30 -18.03
N PHE A 264 9.24 -1.63 -17.79
CA PHE A 264 9.13 -0.20 -18.08
C PHE A 264 8.76 0.60 -16.85
N MET A 265 9.72 1.30 -16.29
CA MET A 265 9.46 2.12 -15.12
C MET A 265 8.59 3.30 -15.45
N SER A 266 7.95 3.84 -14.43
CA SER A 266 7.11 5.01 -14.58
C SER A 266 7.15 5.66 -13.23
N ASN A 267 8.21 6.43 -13.01
CA ASN A 267 8.42 7.11 -11.76
C ASN A 267 9.34 8.27 -12.09
N ASP A 268 9.65 9.10 -11.10
CA ASP A 268 10.53 10.25 -11.28
C ASP A 268 11.94 9.91 -10.80
N LEU A 269 12.82 9.53 -11.72
CA LEU A 269 14.18 9.17 -11.37
C LEU A 269 15.01 10.34 -10.80
N ARG A 270 14.38 11.49 -10.61
CA ARG A 270 15.10 12.64 -10.07
C ARG A 270 15.03 12.56 -8.56
N HIS A 271 13.86 12.16 -8.11
CA HIS A 271 13.56 12.03 -6.70
C HIS A 271 12.97 10.64 -6.46
N ILE A 272 13.86 9.65 -6.35
CA ILE A 272 13.49 8.26 -6.10
C ILE A 272 14.37 7.70 -4.98
N SER A 273 13.72 6.98 -4.06
CA SER A 273 14.39 6.37 -2.92
C SER A 273 15.59 5.50 -3.31
N PRO A 274 16.54 5.35 -2.39
CA PRO A 274 17.72 4.53 -2.66
C PRO A 274 17.32 3.07 -2.49
N GLN A 275 16.50 2.83 -1.46
CA GLN A 275 15.98 1.51 -1.17
C GLN A 275 15.28 0.94 -2.42
N ALA A 276 14.59 1.80 -3.16
CA ALA A 276 13.87 1.42 -4.39
C ALA A 276 14.78 1.32 -5.61
N LYS A 277 15.72 2.25 -5.76
CA LYS A 277 16.64 2.20 -6.88
C LYS A 277 17.36 0.87 -6.79
N ALA A 278 17.69 0.47 -5.57
CA ALA A 278 18.38 -0.78 -5.31
C ALA A 278 17.64 -1.96 -5.97
N LEU A 279 16.38 -2.11 -5.57
CA LEU A 279 15.51 -3.16 -6.07
C LEU A 279 15.55 -3.15 -7.58
N LEU A 280 15.02 -2.06 -8.16
CA LEU A 280 14.96 -1.89 -9.62
C LEU A 280 16.21 -2.21 -10.42
N GLN A 281 17.38 -2.02 -9.82
CA GLN A 281 18.62 -2.31 -10.51
C GLN A 281 19.24 -3.67 -10.11
N ASP A 282 18.58 -4.40 -9.21
CA ASP A 282 19.05 -5.72 -8.75
C ASP A 282 19.49 -6.62 -9.90
N LYS A 283 20.79 -6.67 -10.13
CA LYS A 283 21.40 -7.44 -11.20
C LYS A 283 20.89 -8.86 -11.31
N ASP A 284 20.71 -9.49 -10.15
CA ASP A 284 20.26 -10.87 -10.06
C ASP A 284 18.84 -11.07 -10.57
N VAL A 285 17.95 -10.17 -10.20
CA VAL A 285 16.57 -10.25 -10.63
C VAL A 285 16.43 -9.83 -12.09
N ILE A 286 17.00 -8.70 -12.46
CA ILE A 286 16.92 -8.25 -13.85
C ILE A 286 17.36 -9.42 -14.74
N ALA A 287 18.32 -10.16 -14.21
CA ALA A 287 18.91 -11.31 -14.89
C ALA A 287 17.89 -12.39 -15.11
N ILE A 288 16.98 -12.58 -14.16
CA ILE A 288 15.96 -13.62 -14.30
C ILE A 288 14.92 -13.22 -15.32
N ASN A 289 14.54 -11.95 -15.31
CA ASN A 289 13.57 -11.44 -16.25
C ASN A 289 14.18 -11.44 -17.65
N GLN A 290 15.47 -11.11 -17.71
CA GLN A 290 16.20 -11.05 -18.96
C GLN A 290 16.72 -12.41 -19.42
N ASP A 291 16.26 -13.49 -18.78
CA ASP A 291 16.71 -14.82 -19.14
C ASP A 291 16.57 -15.01 -20.63
N PRO A 292 17.67 -15.37 -21.30
CA PRO A 292 17.76 -15.58 -22.75
C PRO A 292 16.75 -16.54 -23.31
N LEU A 293 16.40 -17.55 -22.51
CA LEU A 293 15.44 -18.58 -22.92
C LEU A 293 14.14 -17.99 -23.42
N GLY A 294 13.47 -17.23 -22.58
CA GLY A 294 12.20 -16.64 -22.99
C GLY A 294 10.97 -17.48 -22.70
N LYS A 295 10.98 -18.16 -21.55
CA LYS A 295 9.87 -19.00 -21.15
C LYS A 295 9.13 -18.34 -20.04
N GLN A 296 7.97 -17.77 -20.36
CA GLN A 296 7.16 -17.10 -19.35
C GLN A 296 6.74 -18.00 -18.18
N GLY A 297 6.94 -17.53 -16.96
CA GLY A 297 6.55 -18.32 -15.81
C GLY A 297 5.04 -18.41 -15.69
N TYR A 298 4.54 -18.85 -14.55
CA TYR A 298 3.10 -18.99 -14.36
C TYR A 298 2.77 -19.28 -12.89
N GLN A 299 1.49 -19.31 -12.58
CA GLN A 299 1.08 -19.61 -11.22
C GLN A 299 0.98 -21.13 -11.07
N LEU A 300 1.61 -21.67 -10.03
CA LEU A 300 1.59 -23.11 -9.82
C LEU A 300 0.61 -23.57 -8.74
N ARG A 301 0.64 -22.90 -7.59
CA ARG A 301 -0.24 -23.25 -6.49
C ARG A 301 -1.13 -22.11 -6.03
N GLN A 302 -2.27 -22.49 -5.47
CA GLN A 302 -3.26 -21.57 -4.93
C GLN A 302 -3.60 -22.05 -3.52
N GLY A 303 -4.70 -21.54 -3.00
CA GLY A 303 -5.14 -21.94 -1.67
C GLY A 303 -4.30 -21.51 -0.48
N ASP A 304 -4.98 -21.22 0.62
CA ASP A 304 -4.34 -20.79 1.86
C ASP A 304 -3.70 -19.41 1.68
N ASN A 305 -4.48 -18.46 1.16
CA ASN A 305 -3.98 -17.10 0.91
C ASN A 305 -2.47 -17.12 0.62
N PHE A 306 -2.13 -17.98 -0.34
CA PHE A 306 -0.78 -18.23 -0.76
C PHE A 306 -0.76 -18.50 -2.26
N GLU A 307 0.24 -17.95 -2.96
CA GLU A 307 0.37 -18.15 -4.40
C GLU A 307 1.78 -18.58 -4.70
N VAL A 308 1.95 -19.62 -5.51
CA VAL A 308 3.30 -20.05 -5.82
C VAL A 308 3.46 -19.98 -7.29
N TRP A 309 4.41 -19.16 -7.75
CA TRP A 309 4.67 -18.97 -9.17
C TRP A 309 6.06 -19.51 -9.49
N GLU A 310 6.27 -19.93 -10.73
CA GLU A 310 7.57 -20.44 -11.12
C GLU A 310 7.82 -20.15 -12.61
N ARG A 311 9.09 -20.05 -12.98
CA ARG A 311 9.44 -19.81 -14.37
C ARG A 311 10.71 -20.59 -14.68
N PRO A 312 10.68 -21.38 -15.74
CA PRO A 312 11.88 -22.14 -16.08
C PRO A 312 12.87 -21.22 -16.76
N LEU A 313 14.12 -21.30 -16.35
CA LEU A 313 15.17 -20.47 -16.90
C LEU A 313 16.04 -21.30 -17.83
N SER A 314 17.31 -20.92 -17.92
CA SER A 314 18.25 -21.62 -18.80
C SER A 314 19.23 -22.43 -18.00
N GLY A 315 19.49 -23.63 -18.49
CA GLY A 315 20.43 -24.52 -17.83
C GLY A 315 19.88 -25.31 -16.64
N LEU A 316 18.65 -25.80 -16.79
CA LEU A 316 18.04 -26.59 -15.73
C LEU A 316 17.93 -25.79 -14.43
N ALA A 317 17.59 -24.51 -14.56
CA ALA A 317 17.46 -23.62 -13.43
C ALA A 317 16.05 -23.07 -13.48
N TRP A 318 15.46 -22.85 -12.32
CA TRP A 318 14.12 -22.29 -12.26
C TRP A 318 14.06 -21.21 -11.22
N ALA A 319 13.10 -20.33 -11.36
CA ALA A 319 12.91 -19.24 -10.42
C ALA A 319 11.52 -19.41 -9.81
N VAL A 320 11.43 -19.35 -8.50
CA VAL A 320 10.13 -19.53 -7.85
C VAL A 320 9.70 -18.34 -6.99
N ALA A 321 8.43 -18.00 -7.10
CA ALA A 321 7.90 -16.89 -6.34
C ALA A 321 6.86 -17.35 -5.33
N MET A 322 6.92 -16.75 -4.15
CA MET A 322 6.03 -17.07 -3.05
C MET A 322 5.31 -15.80 -2.61
N ILE A 323 4.07 -15.61 -3.05
CA ILE A 323 3.34 -14.41 -2.65
C ILE A 323 2.40 -14.76 -1.51
N ASN A 324 2.33 -13.92 -0.49
CA ASN A 324 1.43 -14.15 0.64
C ASN A 324 0.29 -13.12 0.52
N ARG A 325 -0.87 -13.56 0.04
CA ARG A 325 -2.00 -12.66 -0.17
C ARG A 325 -2.80 -12.27 1.07
N GLN A 326 -2.34 -12.68 2.24
CA GLN A 326 -3.05 -12.36 3.46
C GLN A 326 -2.82 -10.90 3.86
N GLU A 327 -3.79 -10.05 3.56
CA GLU A 327 -3.69 -8.62 3.87
C GLU A 327 -3.43 -8.25 5.32
N ILE A 328 -3.58 -9.18 6.26
CA ILE A 328 -3.42 -8.87 7.68
C ILE A 328 -2.60 -9.91 8.42
N GLY A 329 -2.36 -9.65 9.70
CA GLY A 329 -1.58 -10.56 10.52
C GLY A 329 -0.08 -10.32 10.35
N GLY A 330 0.73 -11.31 10.70
CA GLY A 330 2.18 -11.18 10.57
C GLY A 330 2.67 -12.04 9.42
N PRO A 331 4.00 -12.24 9.29
CA PRO A 331 4.57 -13.06 8.22
C PRO A 331 4.35 -14.53 8.49
N ARG A 332 3.58 -15.15 7.60
CA ARG A 332 3.24 -16.56 7.69
C ARG A 332 4.38 -17.42 7.18
N SER A 333 4.24 -18.73 7.27
CA SER A 333 5.27 -19.64 6.79
C SER A 333 4.68 -20.70 5.87
N TYR A 334 5.25 -20.81 4.68
CA TYR A 334 4.79 -21.80 3.71
C TYR A 334 5.87 -22.85 3.49
N THR A 335 5.46 -24.12 3.37
CA THR A 335 6.39 -25.21 3.15
C THR A 335 5.84 -26.12 2.06
N ILE A 336 6.68 -26.50 1.09
CA ILE A 336 6.25 -27.40 0.00
C ILE A 336 7.22 -28.51 -0.33
N ALA A 337 6.82 -29.30 -1.31
CA ALA A 337 7.61 -30.43 -1.76
C ALA A 337 8.61 -29.97 -2.84
N VAL A 338 9.88 -29.89 -2.45
CA VAL A 338 10.94 -29.49 -3.36
C VAL A 338 10.77 -30.22 -4.67
N ALA A 339 10.61 -31.54 -4.57
CA ALA A 339 10.44 -32.37 -5.75
C ALA A 339 9.41 -31.78 -6.70
N SER A 340 8.14 -31.90 -6.31
CA SER A 340 7.02 -31.41 -7.09
C SER A 340 7.03 -29.88 -7.14
N LEU A 341 8.03 -29.31 -7.82
CA LEU A 341 8.15 -27.86 -7.95
C LEU A 341 8.61 -27.58 -9.38
N GLY A 342 9.90 -27.71 -9.62
CA GLY A 342 10.39 -27.50 -10.96
C GLY A 342 9.88 -28.64 -11.82
N LYS A 343 8.56 -28.70 -12.01
CA LYS A 343 7.90 -29.74 -12.80
C LYS A 343 8.48 -31.12 -12.58
N GLY A 344 9.11 -31.28 -11.43
CA GLY A 344 9.73 -32.54 -11.08
C GLY A 344 11.21 -32.49 -11.37
N VAL A 345 11.57 -31.76 -12.44
CA VAL A 345 12.95 -31.62 -12.86
C VAL A 345 13.87 -30.99 -11.83
N ALA A 346 13.96 -29.66 -11.82
CA ALA A 346 14.83 -28.97 -10.87
C ALA A 346 14.63 -29.59 -9.49
N CYS A 347 15.74 -30.02 -8.90
CA CYS A 347 15.74 -30.66 -7.57
C CYS A 347 15.83 -32.15 -7.72
N ASN A 348 15.76 -32.61 -8.96
CA ASN A 348 15.89 -34.03 -9.24
C ASN A 348 17.30 -34.23 -9.81
N PRO A 349 18.22 -34.68 -8.96
CA PRO A 349 17.90 -34.97 -7.57
C PRO A 349 18.58 -33.94 -6.67
N ALA A 350 19.32 -33.04 -7.31
CA ALA A 350 20.05 -32.01 -6.57
C ALA A 350 19.72 -30.57 -6.94
N CYS A 351 19.30 -29.84 -5.93
CA CYS A 351 18.92 -28.45 -6.05
C CYS A 351 19.80 -27.54 -5.22
N PHE A 352 20.08 -26.35 -5.73
CA PHE A 352 20.81 -25.39 -4.93
C PHE A 352 20.07 -24.06 -4.97
N ILE A 353 19.11 -23.96 -4.07
CA ILE A 353 18.24 -22.81 -3.94
C ILE A 353 18.90 -21.67 -3.20
N THR A 354 18.76 -20.46 -3.72
CA THR A 354 19.35 -19.30 -3.06
C THR A 354 18.34 -18.17 -3.07
N GLN A 355 17.88 -17.75 -1.91
CA GLN A 355 16.92 -16.66 -1.85
C GLN A 355 17.55 -15.50 -2.58
N LEU A 356 16.76 -14.79 -3.36
CA LEU A 356 17.27 -13.69 -4.15
C LEU A 356 16.47 -12.42 -3.87
N LEU A 357 15.40 -12.61 -3.10
CA LEU A 357 14.46 -11.53 -2.72
C LEU A 357 13.57 -12.06 -1.60
N PRO A 358 13.37 -11.25 -0.57
CA PRO A 358 13.90 -9.91 -0.34
C PRO A 358 15.32 -9.77 0.22
N VAL A 359 16.14 -10.82 0.21
CA VAL A 359 17.46 -10.65 0.80
C VAL A 359 18.66 -11.36 0.21
N LYS A 360 18.50 -12.01 -0.93
CA LYS A 360 19.63 -12.71 -1.55
C LYS A 360 20.43 -13.43 -0.48
N ARG A 361 19.96 -14.61 -0.07
CA ARG A 361 20.62 -15.41 0.93
C ARG A 361 21.09 -16.67 0.21
N LYS A 362 21.79 -17.55 0.91
CA LYS A 362 22.28 -18.78 0.31
C LYS A 362 21.72 -19.97 1.07
N LEU A 363 20.63 -20.56 0.58
CA LEU A 363 20.09 -21.72 1.27
C LEU A 363 20.93 -22.93 0.81
N GLY A 364 20.98 -23.97 1.63
CA GLY A 364 21.78 -25.14 1.27
C GLY A 364 21.41 -25.86 -0.02
N PHE A 365 21.66 -27.16 -0.03
CA PHE A 365 21.29 -27.97 -1.18
C PHE A 365 19.98 -28.65 -0.81
N TYR A 366 19.16 -28.94 -1.81
CA TYR A 366 17.88 -29.61 -1.58
C TYR A 366 17.71 -30.85 -2.43
N GLU A 367 17.50 -31.97 -1.78
CA GLU A 367 17.32 -33.24 -2.46
C GLU A 367 15.89 -33.42 -2.94
N TRP A 368 15.68 -34.34 -3.88
CA TRP A 368 14.36 -34.59 -4.43
C TRP A 368 13.34 -34.78 -3.33
N THR A 369 13.78 -35.41 -2.24
CA THR A 369 12.90 -35.66 -1.12
C THR A 369 12.69 -34.42 -0.28
N SER A 370 13.75 -33.61 -0.13
CA SER A 370 13.71 -32.39 0.69
C SER A 370 12.41 -31.60 0.63
N ARG A 371 12.20 -30.78 1.68
CA ARG A 371 11.01 -29.92 1.77
C ARG A 371 11.54 -28.52 2.01
N LEU A 372 10.92 -27.55 1.33
CA LEU A 372 11.36 -26.17 1.44
C LEU A 372 10.38 -25.36 2.24
N ARG A 373 10.90 -24.63 3.24
CA ARG A 373 10.06 -23.80 4.10
C ARG A 373 10.57 -22.40 4.26
N SER A 374 9.71 -21.42 3.93
CA SER A 374 10.09 -20.01 4.06
C SER A 374 8.91 -19.13 4.50
N HIS A 375 9.20 -18.20 5.41
CA HIS A 375 8.21 -17.26 5.93
C HIS A 375 8.05 -16.12 4.96
N ILE A 376 6.80 -15.69 4.75
CA ILE A 376 6.53 -14.63 3.80
C ILE A 376 5.75 -13.47 4.39
N ASN A 377 6.22 -12.25 4.17
CA ASN A 377 5.58 -11.05 4.70
C ASN A 377 4.25 -10.77 3.99
N PRO A 378 3.26 -10.23 4.72
CA PRO A 378 1.96 -9.90 4.13
C PRO A 378 2.12 -9.10 2.85
N THR A 379 1.30 -9.43 1.85
CA THR A 379 1.36 -8.79 0.55
C THR A 379 2.79 -8.79 0.04
N GLY A 380 3.63 -9.62 0.63
CA GLY A 380 5.01 -9.67 0.20
C GLY A 380 5.27 -10.86 -0.72
N THR A 381 6.54 -11.02 -1.12
CA THR A 381 6.94 -12.11 -2.01
C THR A 381 8.35 -12.59 -1.69
N VAL A 382 8.63 -13.86 -2.00
CA VAL A 382 9.96 -14.45 -1.80
C VAL A 382 10.37 -15.03 -3.14
N LEU A 383 11.48 -14.54 -3.67
CA LEU A 383 11.94 -14.98 -4.98
C LEU A 383 13.16 -15.86 -4.80
N LEU A 384 13.08 -17.08 -5.34
CA LEU A 384 14.18 -18.03 -5.20
C LEU A 384 14.67 -18.49 -6.55
N GLN A 385 15.92 -18.93 -6.60
CA GLN A 385 16.50 -19.43 -7.84
C GLN A 385 17.09 -20.81 -7.58
N LEU A 386 16.49 -21.81 -8.20
CA LEU A 386 16.92 -23.19 -8.03
C LEU A 386 17.88 -23.60 -9.13
N GLU A 387 18.95 -24.26 -8.74
CA GLU A 387 19.97 -24.75 -9.66
C GLU A 387 20.05 -26.26 -9.52
N ASN A 388 20.27 -26.96 -10.62
CA ASN A 388 20.36 -28.41 -10.54
C ASN A 388 21.82 -28.83 -10.56
N THR A 389 22.22 -29.71 -9.64
CA THR A 389 23.61 -30.17 -9.58
C THR A 389 24.10 -30.76 -10.90
N MET A 390 23.15 -31.10 -11.77
CA MET A 390 23.45 -31.68 -13.08
C MET A 390 24.49 -32.80 -12.99
N LEU B 1 -17.18 7.81 29.85
CA LEU B 1 -17.14 7.30 31.26
C LEU B 1 -16.30 8.23 32.11
N ASP B 2 -16.97 9.06 32.90
CA ASP B 2 -16.27 10.00 33.75
C ASP B 2 -15.68 9.35 35.00
N ASN B 3 -14.55 8.68 34.83
CA ASN B 3 -13.87 8.04 35.94
C ASN B 3 -12.49 8.68 36.07
N GLY B 4 -12.38 9.91 35.59
CA GLY B 4 -11.11 10.61 35.67
C GLY B 4 -9.99 9.96 34.87
N LEU B 5 -10.36 9.13 33.90
CA LEU B 5 -9.35 8.49 33.08
C LEU B 5 -9.55 8.84 31.63
N ALA B 6 -8.46 8.81 30.87
CA ALA B 6 -8.51 9.12 29.45
C ALA B 6 -9.02 10.54 29.28
N ARG B 7 -8.39 11.49 29.95
CA ARG B 7 -8.79 12.88 29.83
C ARG B 7 -8.11 13.41 28.58
N THR B 8 -7.45 12.47 27.91
CA THR B 8 -6.76 12.70 26.65
C THR B 8 -6.87 11.32 26.01
N PRO B 9 -6.77 11.23 24.70
CA PRO B 9 -6.87 9.90 24.11
C PRO B 9 -5.85 8.95 24.72
N THR B 10 -6.21 7.67 24.84
CA THR B 10 -5.32 6.65 25.41
C THR B 10 -4.23 6.27 24.42
N MET B 11 -3.03 6.03 24.91
CA MET B 11 -1.94 5.61 24.05
C MET B 11 -1.31 4.31 24.53
N GLY B 12 -1.20 3.32 23.65
CA GLY B 12 -0.64 2.05 24.05
C GLY B 12 -0.28 1.09 22.94
N TRP B 13 -0.39 -0.21 23.21
CA TRP B 13 -0.06 -1.26 22.25
C TRP B 13 -1.04 -2.42 22.42
N LEU B 14 -1.47 -3.00 21.30
CA LEU B 14 -2.42 -4.11 21.31
C LEU B 14 -1.97 -5.10 20.24
N HIS B 15 -1.81 -6.35 20.66
CA HIS B 15 -1.32 -7.38 19.76
C HIS B 15 -2.23 -7.82 18.61
N TRP B 16 -3.51 -7.52 18.68
CA TRP B 16 -4.41 -8.04 17.64
C TRP B 16 -3.97 -8.05 16.18
N GLU B 17 -4.11 -6.93 15.48
CA GLU B 17 -3.73 -6.89 14.07
C GLU B 17 -2.39 -7.56 13.72
N ARG B 18 -1.32 -7.26 14.46
CA ARG B 18 -0.02 -7.84 14.17
C ARG B 18 0.15 -9.32 14.45
N PHE B 19 -0.44 -9.79 15.55
CA PHE B 19 -0.32 -11.19 15.96
C PHE B 19 -1.60 -12.02 15.97
N MET B 20 -2.75 -11.35 15.81
CA MET B 20 -4.02 -12.05 15.80
C MET B 20 -4.05 -13.11 16.88
N CYS B 21 -4.55 -14.30 16.56
CA CYS B 21 -4.66 -15.37 17.54
C CYS B 21 -3.75 -16.53 17.16
N ASN B 22 -2.47 -16.37 17.44
CA ASN B 22 -1.46 -17.37 17.12
C ASN B 22 -1.19 -18.28 18.33
N LEU B 23 -1.30 -19.59 18.13
CA LEU B 23 -1.07 -20.55 19.22
C LEU B 23 -0.01 -21.63 18.95
N ASP B 24 0.42 -21.76 17.70
CA ASP B 24 1.43 -22.76 17.38
C ASP B 24 2.80 -22.30 17.88
N CYS B 25 3.06 -22.57 19.14
CA CYS B 25 4.31 -22.18 19.75
C CYS B 25 5.36 -23.23 19.50
N GLN B 26 5.02 -24.14 18.58
CA GLN B 26 5.88 -25.24 18.17
C GLN B 26 6.59 -24.98 16.84
N GLU B 27 5.92 -24.25 15.93
CA GLU B 27 6.51 -23.96 14.64
C GLU B 27 6.36 -22.50 14.24
N GLU B 28 5.93 -21.69 15.19
CA GLU B 28 5.78 -20.26 15.00
C GLU B 28 5.62 -19.68 16.39
N PRO B 29 6.74 -19.55 17.11
CA PRO B 29 6.87 -19.04 18.47
C PRO B 29 6.86 -17.51 18.62
N ASP B 30 7.57 -16.83 17.74
CA ASP B 30 7.63 -15.38 17.82
C ASP B 30 6.27 -14.73 17.60
N SER B 31 5.38 -15.43 16.90
CA SER B 31 4.04 -14.94 16.63
C SER B 31 3.10 -15.50 17.70
N CYS B 32 3.57 -16.55 18.35
CA CYS B 32 2.82 -17.22 19.39
C CYS B 32 2.52 -16.28 20.55
N ILE B 33 1.24 -16.18 20.90
CA ILE B 33 0.75 -15.34 21.97
C ILE B 33 1.06 -15.94 23.35
N SER B 34 2.13 -15.48 24.00
CA SER B 34 2.53 -16.01 25.30
C SER B 34 3.12 -14.94 26.19
N GLU B 35 3.02 -15.14 27.51
CA GLU B 35 3.54 -14.17 28.46
C GLU B 35 4.97 -13.80 28.11
N LYS B 36 5.62 -14.69 27.37
CA LYS B 36 7.00 -14.44 26.95
C LYS B 36 7.00 -13.26 26.01
N LEU B 37 6.15 -13.32 24.98
CA LEU B 37 6.07 -12.23 24.01
C LEU B 37 5.90 -10.86 24.66
N PHE B 38 4.80 -10.67 25.36
CA PHE B 38 4.52 -9.39 26.03
C PHE B 38 5.69 -8.94 26.88
N MET B 39 6.30 -9.86 27.60
CA MET B 39 7.45 -9.52 28.45
C MET B 39 8.47 -8.76 27.63
N GLU B 40 8.73 -9.26 26.44
CA GLU B 40 9.69 -8.61 25.58
C GLU B 40 9.17 -7.24 25.17
N MET B 41 8.02 -7.23 24.51
CA MET B 41 7.44 -5.98 24.04
C MET B 41 7.43 -4.89 25.08
N ALA B 42 7.31 -5.29 26.34
CA ALA B 42 7.26 -4.35 27.43
C ALA B 42 8.63 -3.75 27.65
N GLU B 43 9.66 -4.59 27.65
CA GLU B 43 11.03 -4.12 27.85
C GLU B 43 11.33 -3.04 26.82
N LEU B 44 11.04 -3.36 25.57
CA LEU B 44 11.27 -2.44 24.45
C LEU B 44 10.54 -1.11 24.58
N MET B 45 9.23 -1.14 24.84
CA MET B 45 8.46 0.08 24.97
C MET B 45 9.20 1.10 25.83
N VAL B 46 10.08 0.58 26.68
CA VAL B 46 10.88 1.41 27.56
C VAL B 46 12.21 1.68 26.86
N SER B 47 12.75 0.64 26.25
CA SER B 47 14.01 0.71 25.52
C SER B 47 14.05 1.81 24.48
N GLU B 48 13.41 1.60 23.34
CA GLU B 48 13.43 2.61 22.28
C GLU B 48 12.49 3.78 22.51
N GLY B 49 12.34 4.13 23.79
CA GLY B 49 11.52 5.25 24.21
C GLY B 49 10.09 5.40 23.74
N TRP B 50 9.32 4.32 23.75
CA TRP B 50 7.91 4.39 23.34
C TRP B 50 7.14 4.99 24.50
N LYS B 51 7.58 4.68 25.71
CA LYS B 51 6.94 5.20 26.90
C LYS B 51 7.17 6.71 26.86
N ASP B 52 8.43 7.08 26.64
CA ASP B 52 8.81 8.49 26.57
C ASP B 52 7.98 9.28 25.57
N ALA B 53 7.65 8.66 24.45
CA ALA B 53 6.86 9.34 23.44
C ALA B 53 5.38 9.52 23.81
N GLY B 54 4.81 8.56 24.56
CA GLY B 54 3.42 8.67 24.97
C GLY B 54 2.69 7.35 25.24
N TYR B 55 3.07 6.30 24.52
CA TYR B 55 2.46 4.99 24.67
C TYR B 55 2.82 4.45 26.04
N GLU B 56 1.80 4.11 26.82
CA GLU B 56 2.00 3.65 28.17
C GLU B 56 1.20 2.40 28.50
N TYR B 57 0.25 2.06 27.64
CA TYR B 57 -0.56 0.89 27.88
C TYR B 57 -0.18 -0.33 27.04
N LEU B 58 0.13 -1.43 27.72
CA LEU B 58 0.48 -2.66 27.04
C LEU B 58 -0.74 -3.52 27.21
N CYS B 59 -1.53 -3.68 26.15
CA CYS B 59 -2.77 -4.45 26.21
C CYS B 59 -2.83 -5.78 25.49
N ILE B 60 -3.39 -6.79 26.17
CA ILE B 60 -3.52 -8.13 25.61
C ILE B 60 -4.91 -8.31 25.03
N ASP B 61 -4.99 -8.75 23.77
CA ASP B 61 -6.29 -8.95 23.12
C ASP B 61 -6.78 -10.38 23.34
N ASP B 62 -7.69 -10.83 22.51
CA ASP B 62 -8.26 -12.16 22.62
C ASP B 62 -7.23 -13.29 22.52
N CYS B 63 -7.54 -14.45 23.13
CA CYS B 63 -6.66 -15.62 23.08
C CYS B 63 -5.55 -15.66 24.11
N TRP B 64 -5.80 -15.06 25.26
CA TRP B 64 -4.82 -15.04 26.36
C TRP B 64 -5.26 -15.99 27.49
N MET B 65 -6.52 -16.37 27.46
CA MET B 65 -7.11 -17.23 28.49
C MET B 65 -7.06 -18.73 28.26
N ALA B 66 -7.31 -19.47 29.33
CA ALA B 66 -7.32 -20.92 29.27
C ALA B 66 -8.75 -21.35 29.03
N PRO B 67 -8.94 -22.50 28.38
CA PRO B 67 -10.19 -23.17 27.99
C PRO B 67 -11.42 -22.95 28.85
N GLN B 68 -11.27 -22.97 30.17
CA GLN B 68 -12.42 -22.73 31.04
C GLN B 68 -12.07 -22.38 32.48
N ARG B 69 -13.04 -21.77 33.16
CA ARG B 69 -12.93 -21.31 34.56
C ARG B 69 -12.29 -22.32 35.51
N ASP B 70 -11.62 -21.83 36.55
CA ASP B 70 -11.00 -22.72 37.52
C ASP B 70 -12.10 -23.28 38.43
N SER B 71 -11.71 -24.04 39.44
CA SER B 71 -12.67 -24.60 40.39
C SER B 71 -13.54 -23.47 40.97
N GLU B 72 -12.88 -22.47 41.54
CA GLU B 72 -13.53 -21.32 42.15
C GLU B 72 -14.55 -20.69 41.20
N GLY B 73 -14.33 -20.83 39.89
CA GLY B 73 -15.22 -20.25 38.91
C GLY B 73 -14.64 -19.00 38.23
N ARG B 74 -13.37 -18.73 38.52
CA ARG B 74 -12.69 -17.58 37.96
C ARG B 74 -12.02 -17.93 36.63
N LEU B 75 -11.67 -16.90 35.86
CA LEU B 75 -10.99 -17.08 34.59
C LEU B 75 -9.55 -17.45 34.91
N GLN B 76 -8.78 -17.81 33.89
CA GLN B 76 -7.40 -18.19 34.12
C GLN B 76 -6.56 -18.25 32.86
N ALA B 77 -5.42 -17.57 32.92
CA ALA B 77 -4.49 -17.51 31.80
C ALA B 77 -4.08 -18.91 31.38
N ASP B 78 -3.99 -19.14 30.07
CA ASP B 78 -3.62 -20.46 29.58
C ASP B 78 -2.42 -20.98 30.36
N PRO B 79 -2.50 -22.23 30.88
CA PRO B 79 -1.45 -22.86 31.66
C PRO B 79 -0.09 -22.91 30.97
N GLN B 80 -0.07 -23.31 29.71
CA GLN B 80 1.16 -23.44 28.93
C GLN B 80 1.77 -22.13 28.44
N ARG B 81 0.95 -21.27 27.86
CA ARG B 81 1.44 -20.02 27.32
C ARG B 81 1.56 -18.90 28.33
N PHE B 82 0.88 -19.05 29.46
CA PHE B 82 0.91 -18.06 30.52
C PHE B 82 1.08 -18.73 31.89
N PRO B 83 2.16 -19.51 32.06
CA PRO B 83 2.48 -20.25 33.28
C PRO B 83 2.35 -19.45 34.58
N HIS B 84 2.96 -18.29 34.59
CA HIS B 84 2.94 -17.43 35.77
C HIS B 84 1.61 -16.66 35.90
N GLY B 85 0.49 -17.30 35.54
CA GLY B 85 -0.80 -16.63 35.62
C GLY B 85 -0.64 -15.24 35.05
N ILE B 86 -1.50 -14.29 35.40
CA ILE B 86 -1.31 -12.94 34.87
C ILE B 86 -0.51 -12.16 35.92
N ARG B 87 -1.21 -11.70 36.95
CA ARG B 87 -0.63 -10.93 38.04
C ARG B 87 0.85 -10.59 37.89
N GLN B 88 1.71 -11.61 38.00
CA GLN B 88 3.15 -11.39 37.89
C GLN B 88 3.51 -10.61 36.65
N LEU B 89 2.90 -10.98 35.53
CA LEU B 89 3.15 -10.29 34.28
C LEU B 89 2.83 -8.82 34.54
N ALA B 90 1.66 -8.60 35.13
CA ALA B 90 1.22 -7.24 35.46
C ALA B 90 2.34 -6.55 36.22
N ASN B 91 2.93 -7.30 37.14
CA ASN B 91 4.02 -6.80 37.96
C ASN B 91 5.24 -6.45 37.12
N TYR B 92 5.62 -7.33 36.20
CA TYR B 92 6.77 -7.03 35.35
C TYR B 92 6.40 -5.74 34.61
N VAL B 93 5.21 -5.73 34.01
CA VAL B 93 4.73 -4.56 33.26
C VAL B 93 4.70 -3.29 34.10
N HIS B 94 4.18 -3.41 35.32
CA HIS B 94 4.08 -2.30 36.23
C HIS B 94 5.47 -1.83 36.58
N SER B 95 6.41 -2.77 36.57
CA SER B 95 7.82 -2.51 36.89
C SER B 95 8.41 -1.54 35.89
N LYS B 96 8.21 -1.86 34.61
CA LYS B 96 8.72 -1.07 33.53
C LYS B 96 7.97 0.26 33.38
N GLY B 97 7.21 0.64 34.38
CA GLY B 97 6.49 1.90 34.29
C GLY B 97 5.25 1.82 33.42
N LEU B 98 4.96 0.65 32.87
CA LEU B 98 3.79 0.51 32.03
C LEU B 98 2.55 0.00 32.73
N LYS B 99 1.42 -0.01 32.02
CA LYS B 99 0.15 -0.47 32.57
C LYS B 99 -0.35 -1.62 31.72
N LEU B 100 -0.91 -2.64 32.37
CA LEU B 100 -1.40 -3.82 31.67
C LEU B 100 -2.87 -3.76 31.31
N GLY B 101 -3.18 -4.18 30.09
CA GLY B 101 -4.54 -4.18 29.61
C GLY B 101 -4.93 -5.59 29.21
N ILE B 102 -6.17 -5.96 29.47
CA ILE B 102 -6.61 -7.30 29.16
C ILE B 102 -7.91 -7.38 28.32
N TYR B 103 -8.11 -8.52 27.67
CA TYR B 103 -9.28 -8.76 26.82
C TYR B 103 -10.32 -9.58 27.55
N ALA B 104 -11.59 -9.24 27.35
CA ALA B 104 -12.70 -9.94 27.99
C ALA B 104 -13.79 -10.09 26.97
N ASP B 105 -15.01 -10.33 27.45
CA ASP B 105 -16.14 -10.46 26.53
C ASP B 105 -17.48 -10.61 27.25
N VAL B 106 -18.45 -9.81 26.80
CA VAL B 106 -19.79 -9.78 27.39
C VAL B 106 -20.66 -11.02 27.16
N GLY B 107 -20.48 -11.68 26.03
CA GLY B 107 -21.27 -12.87 25.73
C GLY B 107 -20.89 -14.17 26.44
N ASN B 108 -21.17 -15.30 25.79
CA ASN B 108 -20.85 -16.62 26.35
C ASN B 108 -19.46 -17.05 25.92
N LYS B 109 -18.91 -16.35 24.94
CA LYS B 109 -17.57 -16.66 24.43
C LYS B 109 -16.94 -15.41 23.85
N THR B 110 -15.61 -15.43 23.72
CA THR B 110 -14.92 -14.30 23.13
C THR B 110 -15.03 -14.65 21.67
N CYS B 111 -14.68 -13.72 20.78
CA CYS B 111 -14.81 -14.01 19.35
C CYS B 111 -13.92 -15.18 19.00
N ALA B 112 -13.01 -15.49 19.92
CA ALA B 112 -12.08 -16.60 19.74
C ALA B 112 -12.71 -17.91 20.18
N GLY B 113 -13.74 -17.84 21.01
CA GLY B 113 -14.40 -19.04 21.49
C GLY B 113 -14.16 -19.27 22.97
N PHE B 114 -13.04 -18.77 23.46
CA PHE B 114 -12.71 -18.93 24.87
C PHE B 114 -13.83 -18.38 25.73
N PRO B 115 -13.89 -18.84 26.99
CA PRO B 115 -14.92 -18.43 27.96
C PRO B 115 -15.41 -17.00 27.80
N GLY B 116 -16.70 -16.79 28.03
CA GLY B 116 -17.26 -15.45 27.93
C GLY B 116 -17.20 -14.76 29.27
N SER B 117 -18.28 -14.08 29.66
CA SER B 117 -18.32 -13.41 30.95
C SER B 117 -19.76 -13.17 31.36
N PHE B 118 -20.68 -13.84 30.68
CA PHE B 118 -22.09 -13.71 30.98
C PHE B 118 -22.37 -14.27 32.37
N GLY B 119 -22.90 -13.43 33.25
CA GLY B 119 -23.17 -13.87 34.60
C GLY B 119 -21.84 -14.20 35.24
N TYR B 120 -20.94 -13.23 35.20
CA TYR B 120 -19.59 -13.40 35.75
C TYR B 120 -18.96 -12.02 35.87
N TYR B 121 -19.57 -11.06 35.19
CA TYR B 121 -19.08 -9.70 35.19
C TYR B 121 -18.47 -9.37 36.53
N ASP B 122 -19.28 -9.43 37.58
CA ASP B 122 -18.80 -9.13 38.93
C ASP B 122 -17.53 -9.92 39.29
N ILE B 123 -17.63 -11.26 39.31
CA ILE B 123 -16.50 -12.11 39.64
C ILE B 123 -15.30 -11.68 38.83
N ASP B 124 -15.49 -11.60 37.53
CA ASP B 124 -14.42 -11.22 36.60
C ASP B 124 -13.79 -9.85 36.94
N ALA B 125 -14.63 -8.85 37.12
CA ALA B 125 -14.14 -7.53 37.46
C ALA B 125 -13.19 -7.59 38.65
N GLN B 126 -13.64 -8.20 39.76
CA GLN B 126 -12.83 -8.31 40.97
C GLN B 126 -11.53 -9.02 40.64
N THR B 127 -11.66 -10.06 39.83
CA THR B 127 -10.49 -10.83 39.44
C THR B 127 -9.46 -9.93 38.76
N PHE B 128 -9.86 -9.26 37.67
CA PHE B 128 -8.96 -8.36 36.93
C PHE B 128 -8.40 -7.32 37.87
N ALA B 129 -9.29 -6.72 38.64
CA ALA B 129 -8.91 -5.70 39.60
C ALA B 129 -7.80 -6.30 40.47
N ASP B 130 -8.11 -7.45 41.05
CA ASP B 130 -7.19 -8.18 41.92
C ASP B 130 -5.87 -8.46 41.23
N TRP B 131 -5.96 -8.96 40.01
CA TRP B 131 -4.78 -9.27 39.23
C TRP B 131 -3.89 -8.06 39.04
N GLY B 132 -4.50 -6.88 39.11
CA GLY B 132 -3.75 -5.65 38.94
C GLY B 132 -3.81 -5.13 37.51
N VAL B 133 -4.98 -5.25 36.88
CA VAL B 133 -5.16 -4.78 35.51
C VAL B 133 -5.38 -3.28 35.47
N ASP B 134 -5.10 -2.67 34.33
CA ASP B 134 -5.27 -1.23 34.21
C ASP B 134 -6.24 -0.84 33.09
N LEU B 135 -6.63 -1.81 32.28
CA LEU B 135 -7.53 -1.54 31.18
C LEU B 135 -8.19 -2.80 30.70
N LEU B 136 -9.49 -2.70 30.40
CA LEU B 136 -10.25 -3.85 29.91
C LEU B 136 -10.87 -3.58 28.53
N LYS B 137 -10.52 -4.41 27.55
CA LYS B 137 -11.11 -4.25 26.23
C LYS B 137 -12.25 -5.25 26.27
N PHE B 138 -13.47 -4.76 26.42
CA PHE B 138 -14.63 -5.63 26.49
C PHE B 138 -15.27 -5.85 25.12
N ASP B 139 -14.95 -6.99 24.51
CA ASP B 139 -15.45 -7.36 23.19
C ASP B 139 -16.85 -7.90 23.29
N GLY B 140 -17.61 -7.78 22.20
CA GLY B 140 -19.00 -8.24 22.20
C GLY B 140 -19.43 -9.31 21.22
N CYS B 141 -18.88 -10.50 21.35
CA CYS B 141 -19.26 -11.59 20.47
C CYS B 141 -20.09 -12.58 21.28
N TYR B 142 -21.14 -13.11 20.66
CA TYR B 142 -21.98 -14.11 21.29
C TYR B 142 -22.92 -13.62 22.38
N CYS B 143 -24.14 -13.26 22.00
CA CYS B 143 -25.16 -12.84 22.94
C CYS B 143 -26.50 -12.72 22.22
N ASP B 144 -27.54 -13.27 22.84
CA ASP B 144 -28.88 -13.26 22.26
C ASP B 144 -29.27 -11.93 21.62
N SER B 145 -29.72 -10.99 22.44
CA SER B 145 -30.18 -9.69 21.95
C SER B 145 -29.46 -8.51 22.59
N LEU B 146 -29.81 -7.32 22.10
CA LEU B 146 -29.24 -6.08 22.60
C LEU B 146 -29.51 -6.01 24.07
N GLU B 147 -30.56 -6.72 24.50
CA GLU B 147 -30.91 -6.77 25.90
C GLU B 147 -29.67 -7.25 26.63
N ASN B 148 -29.34 -8.52 26.44
CA ASN B 148 -28.17 -9.12 27.06
C ASN B 148 -26.95 -8.25 26.82
N LEU B 149 -26.79 -7.79 25.58
CA LEU B 149 -25.67 -6.95 25.21
C LEU B 149 -25.61 -5.65 26.00
N ALA B 150 -26.36 -4.66 25.54
CA ALA B 150 -26.39 -3.34 26.18
C ALA B 150 -26.31 -3.36 27.71
N ASP B 151 -26.89 -4.40 28.33
CA ASP B 151 -26.87 -4.53 29.78
C ASP B 151 -25.55 -5.12 30.25
N GLY B 152 -25.02 -6.06 29.46
CA GLY B 152 -23.73 -6.66 29.78
C GLY B 152 -22.71 -5.54 29.86
N TYR B 153 -22.72 -4.65 28.87
CA TYR B 153 -21.81 -3.53 28.83
C TYR B 153 -21.98 -2.60 30.02
N LYS B 154 -23.20 -2.11 30.22
CA LYS B 154 -23.49 -1.21 31.34
C LYS B 154 -23.16 -1.85 32.68
N HIS B 155 -23.46 -3.14 32.78
CA HIS B 155 -23.19 -3.88 34.01
C HIS B 155 -21.69 -3.92 34.33
N MET B 156 -20.94 -4.60 33.49
CA MET B 156 -19.50 -4.72 33.66
C MET B 156 -18.89 -3.37 34.01
N SER B 157 -19.39 -2.31 33.38
CA SER B 157 -18.89 -0.98 33.64
C SER B 157 -18.92 -0.69 35.13
N LEU B 158 -20.11 -0.81 35.71
CA LEU B 158 -20.32 -0.57 37.14
C LEU B 158 -19.45 -1.50 37.97
N ALA B 159 -19.43 -2.77 37.57
CA ALA B 159 -18.64 -3.77 38.29
C ALA B 159 -17.24 -3.25 38.54
N LEU B 160 -16.58 -2.82 37.47
CA LEU B 160 -15.22 -2.31 37.52
C LEU B 160 -15.06 -1.14 38.49
N ASN B 161 -15.88 -0.11 38.32
CA ASN B 161 -15.80 1.03 39.22
C ASN B 161 -15.96 0.55 40.66
N ARG B 162 -16.78 -0.49 40.83
CA ARG B 162 -17.02 -1.06 42.14
C ARG B 162 -15.71 -1.57 42.71
N THR B 163 -15.04 -2.45 41.98
CA THR B 163 -13.77 -3.02 42.46
C THR B 163 -12.88 -1.99 43.10
N GLY B 164 -13.05 -0.72 42.75
CA GLY B 164 -12.22 0.31 43.34
C GLY B 164 -10.98 0.63 42.52
N ARG B 165 -10.51 -0.36 41.77
CA ARG B 165 -9.34 -0.20 40.91
C ARG B 165 -9.69 0.75 39.75
N SER B 166 -8.74 1.60 39.38
CA SER B 166 -8.94 2.55 38.27
C SER B 166 -8.66 1.82 36.98
N ILE B 167 -9.73 1.47 36.26
CA ILE B 167 -9.60 0.74 35.02
C ILE B 167 -10.20 1.40 33.77
N VAL B 168 -9.35 1.66 32.76
CA VAL B 168 -9.85 2.24 31.52
C VAL B 168 -10.80 1.21 30.91
N TYR B 169 -11.95 1.67 30.47
CA TYR B 169 -12.95 0.78 29.91
C TYR B 169 -13.16 1.03 28.43
N SER B 170 -12.69 0.10 27.61
CA SER B 170 -12.80 0.21 26.16
C SER B 170 -13.91 -0.72 25.66
N CYS B 171 -14.98 -0.11 25.19
CA CYS B 171 -16.11 -0.87 24.71
C CYS B 171 -16.17 -1.00 23.21
N GLU B 172 -16.76 -2.10 22.75
CA GLU B 172 -16.93 -2.37 21.34
C GLU B 172 -18.44 -2.33 21.12
N TRP B 173 -19.13 -1.78 22.11
CA TRP B 173 -20.57 -1.66 22.13
C TRP B 173 -21.28 -1.19 20.82
N PRO B 174 -20.99 0.04 20.34
CA PRO B 174 -21.63 0.54 19.11
C PRO B 174 -21.49 -0.40 17.97
N LEU B 175 -20.26 -0.78 17.68
CA LEU B 175 -19.98 -1.69 16.58
C LEU B 175 -21.00 -2.82 16.49
N TYR B 176 -21.65 -3.12 17.60
CA TYR B 176 -22.62 -4.21 17.65
C TYR B 176 -24.10 -3.83 17.62
N MET B 177 -24.44 -2.60 17.96
CA MET B 177 -25.86 -2.23 17.92
C MET B 177 -26.32 -2.14 16.46
N TRP B 178 -25.44 -1.76 15.56
CA TRP B 178 -25.80 -1.78 14.14
C TRP B 178 -25.66 -3.29 14.03
N PRO B 179 -26.56 -4.00 13.32
CA PRO B 179 -27.74 -3.66 12.55
C PRO B 179 -29.04 -3.66 13.35
N PHE B 180 -29.33 -2.56 14.07
CA PHE B 180 -30.57 -2.52 14.84
C PHE B 180 -31.08 -1.12 15.06
N GLN B 181 -30.23 -0.28 15.64
CA GLN B 181 -30.58 1.10 15.89
C GLN B 181 -29.33 1.87 16.21
N LYS B 182 -29.16 3.03 15.59
CA LYS B 182 -27.97 3.82 15.87
C LYS B 182 -27.93 3.88 17.39
N PRO B 183 -26.75 3.64 17.98
CA PRO B 183 -26.54 3.65 19.44
C PRO B 183 -26.79 4.97 20.16
N ASN B 184 -27.23 4.92 21.42
CA ASN B 184 -27.42 6.16 22.18
C ASN B 184 -26.02 6.51 22.60
N TYR B 185 -25.24 7.05 21.67
CA TYR B 185 -23.87 7.42 21.96
C TYR B 185 -23.72 8.20 23.25
N THR B 186 -24.67 9.08 23.55
CA THR B 186 -24.57 9.85 24.78
C THR B 186 -24.62 8.92 25.98
N GLU B 187 -25.38 7.83 25.84
CA GLU B 187 -25.52 6.83 26.89
C GLU B 187 -24.22 6.06 27.02
N ILE B 188 -23.78 5.50 25.90
CA ILE B 188 -22.53 4.76 25.83
C ILE B 188 -21.38 5.55 26.44
N ARG B 189 -21.42 6.87 26.29
CA ARG B 189 -20.38 7.71 26.82
C ARG B 189 -20.41 7.71 28.32
N GLN B 190 -21.54 7.29 28.89
CA GLN B 190 -21.67 7.27 30.35
C GLN B 190 -21.16 5.96 30.93
N TYR B 191 -20.64 5.10 30.09
CA TYR B 191 -20.16 3.80 30.55
C TYR B 191 -18.81 3.41 29.98
N CYS B 192 -18.30 4.19 29.03
CA CYS B 192 -17.02 3.84 28.39
C CYS B 192 -16.02 4.97 28.17
N ASN B 193 -14.74 4.64 28.29
CA ASN B 193 -13.66 5.59 28.08
C ASN B 193 -13.44 5.82 26.59
N HIS B 194 -13.85 4.83 25.82
CA HIS B 194 -13.82 4.89 24.37
C HIS B 194 -14.39 3.64 23.75
N TRP B 195 -15.00 3.79 22.57
CA TRP B 195 -15.67 2.67 21.92
C TRP B 195 -15.32 2.47 20.45
N ARG B 196 -15.58 1.26 19.95
CA ARG B 196 -15.34 0.91 18.55
C ARG B 196 -16.60 1.27 17.77
N ASN B 197 -16.43 1.75 16.53
CA ASN B 197 -17.57 2.12 15.69
C ASN B 197 -17.67 1.21 14.48
N PHE B 198 -16.72 1.36 13.57
CA PHE B 198 -16.65 0.58 12.33
C PHE B 198 -15.94 -0.77 12.54
N ALA B 199 -16.00 -1.67 11.56
CA ALA B 199 -15.37 -2.99 11.66
C ALA B 199 -13.87 -2.99 11.94
N ASP B 200 -13.27 -4.18 12.03
CA ASP B 200 -11.84 -4.31 12.32
C ASP B 200 -10.93 -3.75 11.21
N ILE B 201 -9.62 -3.91 11.35
CA ILE B 201 -8.72 -3.34 10.33
C ILE B 201 -7.60 -4.25 9.84
N ASP B 202 -7.37 -4.23 8.52
CA ASP B 202 -6.32 -5.03 7.87
C ASP B 202 -5.10 -4.16 7.62
N ASP B 203 -3.95 -4.79 7.43
CA ASP B 203 -2.73 -4.07 7.13
C ASP B 203 -2.83 -3.73 5.64
N SER B 204 -3.84 -2.90 5.32
CA SER B 204 -4.11 -2.51 3.94
C SER B 204 -4.59 -1.08 3.82
N TRP B 205 -4.29 -0.46 2.69
CA TRP B 205 -4.73 0.91 2.45
C TRP B 205 -6.27 0.92 2.36
N LYS B 206 -6.82 -0.09 1.71
CA LYS B 206 -8.27 -0.19 1.53
C LYS B 206 -8.95 -0.06 2.88
N SER B 207 -8.49 -0.87 3.82
CA SER B 207 -9.05 -0.88 5.16
C SER B 207 -8.97 0.49 5.82
N ILE B 208 -7.92 1.23 5.53
CA ILE B 208 -7.82 2.54 6.13
C ILE B 208 -8.78 3.47 5.40
N LYS B 209 -8.76 3.40 4.08
CA LYS B 209 -9.64 4.27 3.32
C LYS B 209 -11.03 4.13 3.91
N SER B 210 -11.59 2.92 3.78
CA SER B 210 -12.93 2.65 4.28
C SER B 210 -13.20 3.23 5.68
N ILE B 211 -12.32 2.99 6.64
CA ILE B 211 -12.57 3.52 7.99
C ILE B 211 -12.78 5.03 7.94
N LEU B 212 -11.90 5.72 7.22
CA LEU B 212 -12.04 7.15 7.13
C LEU B 212 -13.36 7.51 6.49
N ASP B 213 -13.63 6.93 5.33
CA ASP B 213 -14.85 7.23 4.58
C ASP B 213 -16.14 6.97 5.37
N TRP B 214 -16.15 5.88 6.12
CA TRP B 214 -17.30 5.53 6.93
C TRP B 214 -17.40 6.58 8.03
N THR B 215 -16.28 6.83 8.70
CA THR B 215 -16.23 7.81 9.78
C THR B 215 -16.66 9.18 9.25
N SER B 216 -16.07 9.58 8.12
CA SER B 216 -16.41 10.87 7.52
C SER B 216 -17.91 10.99 7.35
N PHE B 217 -18.48 10.03 6.65
CA PHE B 217 -19.91 10.01 6.43
C PHE B 217 -20.67 9.60 7.70
N ASN B 218 -20.32 10.23 8.82
CA ASN B 218 -21.01 9.92 10.05
C ASN B 218 -20.70 10.86 11.18
N GLN B 219 -19.74 11.75 10.99
CA GLN B 219 -19.38 12.68 12.06
C GLN B 219 -20.59 13.23 12.79
N GLU B 220 -21.70 13.39 12.08
CA GLU B 220 -22.95 13.88 12.66
C GLU B 220 -23.23 13.26 14.03
N ARG B 221 -23.31 11.95 14.08
CA ARG B 221 -23.59 11.25 15.33
C ARG B 221 -22.42 11.09 16.30
N ILE B 222 -21.24 10.82 15.74
CA ILE B 222 -20.06 10.58 16.57
C ILE B 222 -19.17 11.78 16.85
N VAL B 223 -18.71 12.47 15.82
CA VAL B 223 -17.80 13.61 15.98
C VAL B 223 -18.12 14.49 17.19
N ASP B 224 -19.39 14.51 17.56
CA ASP B 224 -19.85 15.32 18.67
C ASP B 224 -19.57 14.78 20.08
N VAL B 225 -20.19 13.67 20.44
CA VAL B 225 -20.04 13.08 21.78
C VAL B 225 -18.63 12.77 22.20
N ALA B 226 -17.67 13.13 21.35
CA ALA B 226 -16.27 12.88 21.64
C ALA B 226 -15.71 13.92 22.58
N GLY B 227 -14.86 13.50 23.51
CA GLY B 227 -14.27 14.43 24.45
C GLY B 227 -13.64 13.68 25.61
N PRO B 228 -13.01 14.38 26.57
CA PRO B 228 -12.40 13.72 27.72
C PRO B 228 -13.32 12.69 28.37
N GLY B 229 -12.78 11.52 28.67
CA GLY B 229 -13.56 10.48 29.28
C GLY B 229 -13.96 9.44 28.26
N GLY B 230 -14.41 9.88 27.10
CA GLY B 230 -14.81 8.94 26.08
C GLY B 230 -14.46 9.39 24.67
N TRP B 231 -13.87 8.48 23.89
CA TRP B 231 -13.47 8.83 22.54
C TRP B 231 -13.95 7.85 21.50
N ASN B 232 -13.86 8.26 20.24
CA ASN B 232 -14.24 7.36 19.16
C ASN B 232 -12.95 6.63 18.79
N ASP B 233 -13.01 5.30 18.77
CA ASP B 233 -11.85 4.48 18.46
C ASP B 233 -12.01 3.78 17.11
N PRO B 234 -11.23 4.21 16.10
CA PRO B 234 -11.27 3.64 14.75
C PRO B 234 -10.70 2.25 14.80
N ASP B 235 -9.50 2.16 15.35
CA ASP B 235 -8.80 0.90 15.54
C ASP B 235 -7.30 1.12 15.55
N MET B 236 -6.60 0.10 16.00
CA MET B 236 -5.15 0.11 16.10
C MET B 236 -4.38 0.78 14.96
N LEU B 237 -3.18 1.23 15.28
CA LEU B 237 -2.33 1.84 14.28
C LEU B 237 -1.51 0.68 13.69
N VAL B 238 -1.77 0.39 12.42
CA VAL B 238 -1.09 -0.67 11.71
C VAL B 238 0.22 -0.15 11.07
N ILE B 239 0.70 0.98 11.54
CA ILE B 239 1.94 1.54 11.03
C ILE B 239 3.08 0.72 11.59
N GLY B 240 4.10 0.46 10.78
CA GLY B 240 5.22 -0.35 11.25
C GLY B 240 5.20 -1.72 10.60
N ASN B 241 4.03 -2.13 10.11
CA ASN B 241 3.81 -3.41 9.46
C ASN B 241 4.29 -3.46 8.00
N PHE B 242 3.42 -3.89 7.09
CA PHE B 242 3.79 -3.99 5.68
C PHE B 242 2.78 -3.55 4.63
N GLY B 243 1.49 -3.63 4.95
CA GLY B 243 0.45 -3.25 3.99
C GLY B 243 0.42 -1.81 3.52
N LEU B 244 0.95 -0.90 4.34
CA LEU B 244 0.94 0.52 4.01
C LEU B 244 2.23 1.07 3.43
N SER B 245 2.10 2.01 2.51
CA SER B 245 3.26 2.60 1.89
C SER B 245 3.67 3.73 2.81
N TRP B 246 4.68 4.52 2.43
CA TRP B 246 5.11 5.62 3.28
C TRP B 246 4.05 6.69 3.37
N ASN B 247 3.68 7.24 2.23
CA ASN B 247 2.67 8.28 2.18
C ASN B 247 1.38 7.79 2.81
N GLN B 248 1.19 6.48 2.79
CA GLN B 248 -0.01 5.90 3.36
C GLN B 248 0.04 5.84 4.88
N GLN B 249 1.20 5.51 5.45
CA GLN B 249 1.31 5.44 6.91
C GLN B 249 1.12 6.83 7.53
N VAL B 250 1.75 7.86 6.93
CA VAL B 250 1.61 9.21 7.46
C VAL B 250 0.13 9.56 7.53
N THR B 251 -0.59 9.25 6.47
CA THR B 251 -2.01 9.52 6.43
C THR B 251 -2.67 8.98 7.67
N GLN B 252 -2.42 7.70 7.99
CA GLN B 252 -3.03 7.11 9.17
C GLN B 252 -2.69 7.86 10.45
N MET B 253 -1.41 8.13 10.67
CA MET B 253 -1.01 8.84 11.89
C MET B 253 -1.63 10.23 11.90
N ALA B 254 -1.41 10.96 10.80
CA ALA B 254 -1.94 12.31 10.69
C ALA B 254 -3.44 12.32 10.94
N LEU B 255 -4.16 11.42 10.32
CA LEU B 255 -5.58 11.44 10.56
C LEU B 255 -6.07 10.91 11.90
N TRP B 256 -5.33 10.00 12.54
CA TRP B 256 -5.73 9.50 13.85
C TRP B 256 -5.59 10.67 14.84
N ALA B 257 -4.68 11.56 14.49
CA ALA B 257 -4.44 12.74 15.28
C ALA B 257 -5.62 13.68 15.15
N ILE B 258 -6.09 13.85 13.93
CA ILE B 258 -7.23 14.72 13.68
C ILE B 258 -8.50 14.22 14.36
N MET B 259 -8.66 12.90 14.48
CA MET B 259 -9.85 12.33 15.10
C MET B 259 -9.73 12.03 16.58
N ALA B 260 -8.80 12.71 17.26
CA ALA B 260 -8.60 12.50 18.68
C ALA B 260 -8.94 11.06 18.92
N ALA B 261 -8.18 10.19 18.28
CA ALA B 261 -8.39 8.77 18.39
C ALA B 261 -7.40 8.13 19.34
N PRO B 262 -7.78 7.02 19.97
CA PRO B 262 -6.89 6.33 20.90
C PRO B 262 -5.74 5.79 20.05
N LEU B 263 -4.50 6.07 20.44
CA LEU B 263 -3.38 5.58 19.66
C LEU B 263 -2.89 4.23 20.20
N PHE B 264 -3.28 3.16 19.52
CA PHE B 264 -2.85 1.83 19.91
C PHE B 264 -2.14 1.11 18.79
N MET B 265 -0.81 0.99 18.91
CA MET B 265 -0.04 0.32 17.90
C MET B 265 -0.32 -1.17 17.89
N SER B 266 -0.03 -1.79 16.76
CA SER B 266 -0.20 -3.22 16.62
C SER B 266 0.82 -3.59 15.58
N ASN B 267 2.05 -3.76 16.02
CA ASN B 267 3.16 -4.09 15.16
C ASN B 267 4.18 -4.74 16.06
N ASP B 268 5.29 -5.19 15.49
CA ASP B 268 6.35 -5.84 16.25
C ASP B 268 7.47 -4.86 16.53
N LEU B 269 7.48 -4.24 17.71
CA LEU B 269 8.50 -3.25 18.05
C LEU B 269 9.90 -3.82 18.09
N ARG B 270 10.08 -5.01 17.52
CA ARG B 270 11.39 -5.61 17.50
C ARG B 270 12.03 -5.42 16.14
N HIS B 271 11.26 -5.67 15.10
CA HIS B 271 11.75 -5.51 13.74
C HIS B 271 10.92 -4.41 13.07
N ILE B 272 10.98 -3.22 13.63
CA ILE B 272 10.24 -2.13 13.06
C ILE B 272 11.22 -1.12 12.50
N SER B 273 10.89 -0.64 11.30
CA SER B 273 11.71 0.33 10.60
C SER B 273 11.99 1.58 11.43
N PRO B 274 13.10 2.28 11.14
CA PRO B 274 13.47 3.50 11.87
C PRO B 274 12.63 4.65 11.33
N GLN B 275 12.44 4.61 10.02
CA GLN B 275 11.63 5.61 9.34
C GLN B 275 10.22 5.62 9.95
N ALA B 276 9.71 4.43 10.32
CA ALA B 276 8.39 4.30 10.94
C ALA B 276 8.35 4.66 12.42
N LYS B 277 9.36 4.21 13.17
CA LYS B 277 9.45 4.51 14.60
C LYS B 277 9.44 6.02 14.74
N ALA B 278 10.13 6.68 13.81
CA ALA B 278 10.21 8.12 13.79
C ALA B 278 8.80 8.73 13.81
N LEU B 279 8.02 8.38 12.79
CA LEU B 279 6.65 8.85 12.64
C LEU B 279 5.87 8.62 13.91
N LEU B 280 5.67 7.37 14.24
CA LEU B 280 4.94 7.00 15.44
C LEU B 280 5.31 7.74 16.73
N GLN B 281 6.57 8.17 16.84
CA GLN B 281 7.00 8.88 18.05
C GLN B 281 7.05 10.39 17.88
N ASP B 282 6.68 10.87 16.71
CA ASP B 282 6.69 12.31 16.40
C ASP B 282 6.02 13.13 17.51
N LYS B 283 6.84 13.72 18.35
CA LYS B 283 6.38 14.53 19.49
C LYS B 283 5.33 15.55 19.11
N ASP B 284 5.52 16.19 17.96
CA ASP B 284 4.63 17.23 17.47
C ASP B 284 3.24 16.72 17.15
N VAL B 285 3.18 15.59 16.46
CA VAL B 285 1.91 14.99 16.10
C VAL B 285 1.23 14.37 17.32
N ILE B 286 1.96 13.55 18.08
CA ILE B 286 1.39 12.93 19.28
C ILE B 286 0.73 14.03 20.09
N ALA B 287 1.38 15.18 20.04
CA ALA B 287 0.94 16.37 20.75
C ALA B 287 -0.42 16.84 20.28
N ILE B 288 -0.67 16.77 18.98
CA ILE B 288 -1.95 17.20 18.45
C ILE B 288 -3.05 16.23 18.83
N ASN B 289 -2.74 14.95 18.79
CA ASN B 289 -3.72 13.94 19.14
C ASN B 289 -4.01 14.03 20.62
N GLN B 290 -2.96 14.30 21.38
CA GLN B 290 -3.06 14.39 22.82
C GLN B 290 -3.53 15.76 23.31
N ASP B 291 -3.99 16.60 22.38
CA ASP B 291 -4.45 17.93 22.74
C ASP B 291 -5.42 17.84 23.90
N PRO B 292 -5.10 18.54 25.01
CA PRO B 292 -5.88 18.58 26.26
C PRO B 292 -7.34 18.92 26.09
N LEU B 293 -7.64 19.76 25.10
CA LEU B 293 -9.00 20.19 24.82
C LEU B 293 -9.97 19.02 24.62
N GLY B 294 -9.69 18.16 23.65
CA GLY B 294 -10.55 17.02 23.44
C GLY B 294 -11.66 17.27 22.45
N LYS B 295 -11.36 18.04 21.41
CA LYS B 295 -12.34 18.34 20.37
C LYS B 295 -12.01 17.56 19.11
N GLN B 296 -12.76 16.49 18.86
CA GLN B 296 -12.52 15.66 17.67
C GLN B 296 -12.61 16.42 16.35
N GLY B 297 -11.63 16.27 15.48
CA GLY B 297 -11.67 16.99 14.22
C GLY B 297 -12.74 16.41 13.32
N TYR B 298 -12.73 16.78 12.04
CA TYR B 298 -13.74 16.26 11.10
C TYR B 298 -13.35 16.57 9.67
N GLN B 299 -14.15 16.07 8.73
CA GLN B 299 -13.88 16.34 7.33
C GLN B 299 -14.55 17.65 6.96
N LEU B 300 -13.79 18.55 6.34
CA LEU B 300 -14.31 19.84 5.95
C LEU B 300 -14.65 19.96 4.46
N ARG B 301 -13.74 19.55 3.59
CA ARG B 301 -13.98 19.64 2.16
C ARG B 301 -13.90 18.29 1.46
N GLN B 302 -14.58 18.18 0.33
CA GLN B 302 -14.61 16.96 -0.49
C GLN B 302 -14.40 17.32 -1.96
N GLY B 303 -14.68 16.38 -2.84
CA GLY B 303 -14.55 16.62 -4.27
C GLY B 303 -13.19 16.61 -4.97
N ASP B 304 -13.23 16.22 -6.24
CA ASP B 304 -12.03 16.16 -7.08
C ASP B 304 -10.90 15.47 -6.33
N ASN B 305 -11.15 14.24 -5.89
CA ASN B 305 -10.17 13.46 -5.16
C ASN B 305 -9.24 14.25 -4.28
N PHE B 306 -9.82 14.98 -3.34
CA PHE B 306 -9.05 15.75 -2.36
C PHE B 306 -9.94 15.78 -1.14
N GLU B 307 -9.33 15.68 0.04
CA GLU B 307 -10.06 15.73 1.30
C GLU B 307 -9.34 16.71 2.22
N VAL B 308 -10.08 17.60 2.86
CA VAL B 308 -9.45 18.53 3.79
C VAL B 308 -10.07 18.30 5.15
N TRP B 309 -9.26 17.92 6.13
CA TRP B 309 -9.75 17.68 7.48
C TRP B 309 -9.13 18.71 8.42
N GLU B 310 -9.80 18.99 9.52
CA GLU B 310 -9.28 19.97 10.46
C GLU B 310 -9.74 19.64 11.85
N ARG B 311 -8.94 20.04 12.84
CA ARG B 311 -9.30 19.82 14.24
C ARG B 311 -8.88 21.03 15.05
N PRO B 312 -9.79 21.56 15.88
CA PRO B 312 -9.40 22.71 16.68
C PRO B 312 -8.65 22.19 17.90
N LEU B 313 -7.55 22.86 18.21
CA LEU B 313 -6.71 22.46 19.34
C LEU B 313 -6.92 23.45 20.49
N SER B 314 -5.86 23.69 21.25
CA SER B 314 -5.94 24.62 22.36
C SER B 314 -5.14 25.87 22.11
N GLY B 315 -5.72 27.00 22.50
CA GLY B 315 -5.05 28.27 22.33
C GLY B 315 -5.15 28.89 20.94
N LEU B 316 -6.34 28.78 20.34
CA LEU B 316 -6.57 29.35 19.01
C LEU B 316 -5.63 28.77 17.95
N ALA B 317 -5.41 27.46 18.06
CA ALA B 317 -4.54 26.75 17.14
C ALA B 317 -5.37 25.63 16.55
N TRP B 318 -5.11 25.34 15.27
CA TRP B 318 -5.84 24.29 14.57
C TRP B 318 -4.87 23.45 13.79
N ALA B 319 -5.28 22.22 13.53
CA ALA B 319 -4.45 21.30 12.80
C ALA B 319 -5.23 20.93 11.56
N VAL B 320 -4.59 20.99 10.41
CA VAL B 320 -5.28 20.67 9.18
C VAL B 320 -4.62 19.53 8.40
N ALA B 321 -5.46 18.68 7.85
CA ALA B 321 -5.00 17.53 7.08
C ALA B 321 -5.42 17.64 5.64
N MET B 322 -4.49 17.31 4.74
CA MET B 322 -4.70 17.36 3.30
C MET B 322 -4.49 15.96 2.69
N ILE B 323 -5.56 15.20 2.46
CA ILE B 323 -5.42 13.85 1.88
C ILE B 323 -5.65 13.91 0.38
N ASN B 324 -4.81 13.25 -0.41
CA ASN B 324 -4.97 13.22 -1.86
C ASN B 324 -5.42 11.82 -2.22
N ARG B 325 -6.72 11.66 -2.46
CA ARG B 325 -7.29 10.36 -2.76
C ARG B 325 -7.04 9.81 -4.18
N GLN B 326 -6.27 10.53 -4.98
CA GLN B 326 -6.01 10.07 -6.33
C GLN B 326 -5.01 8.91 -6.33
N GLU B 327 -5.51 7.70 -6.52
CA GLU B 327 -4.67 6.51 -6.53
C GLU B 327 -3.56 6.45 -7.57
N ILE B 328 -3.60 7.33 -8.57
CA ILE B 328 -2.60 7.31 -9.64
C ILE B 328 -2.02 8.69 -9.94
N GLY B 329 -1.06 8.72 -10.86
CA GLY B 329 -0.42 9.97 -11.25
C GLY B 329 0.69 10.38 -10.30
N GLY B 330 1.06 11.66 -10.34
CA GLY B 330 2.09 12.20 -9.47
C GLY B 330 1.49 13.01 -8.32
N PRO B 331 2.30 13.75 -7.57
CA PRO B 331 1.80 14.56 -6.44
C PRO B 331 1.16 15.80 -6.97
N ARG B 332 -0.14 15.93 -6.70
CA ARG B 332 -0.93 17.06 -7.14
C ARG B 332 -0.73 18.25 -6.22
N SER B 333 -1.34 19.36 -6.56
CA SER B 333 -1.20 20.55 -5.72
C SER B 333 -2.55 21.13 -5.40
N TYR B 334 -2.80 21.34 -4.11
CA TYR B 334 -4.06 21.91 -3.65
C TYR B 334 -3.82 23.30 -3.04
N THR B 335 -4.74 24.23 -3.31
CA THR B 335 -4.63 25.58 -2.78
C THR B 335 -5.99 26.02 -2.27
N ILE B 336 -6.04 26.62 -1.07
CA ILE B 336 -7.31 27.10 -0.51
C ILE B 336 -7.23 28.46 0.13
N ALA B 337 -8.38 28.88 0.66
CA ALA B 337 -8.53 30.16 1.31
C ALA B 337 -8.17 30.06 2.79
N VAL B 338 -7.00 30.57 3.14
CA VAL B 338 -6.51 30.54 4.51
C VAL B 338 -7.63 30.96 5.43
N ALA B 339 -8.27 32.07 5.09
CA ALA B 339 -9.37 32.60 5.89
C ALA B 339 -10.37 31.51 6.20
N SER B 340 -11.13 31.11 5.18
CA SER B 340 -12.14 30.09 5.33
C SER B 340 -11.52 28.72 5.61
N LEU B 341 -10.90 28.57 6.77
CA LEU B 341 -10.30 27.29 7.13
C LEU B 341 -10.60 27.06 8.59
N GLY B 342 -9.85 27.70 9.46
CA GLY B 342 -10.08 27.55 10.87
C GLY B 342 -11.39 28.25 11.19
N LYS B 343 -12.49 27.72 10.65
CA LYS B 343 -13.85 28.25 10.83
C LYS B 343 -13.88 29.78 10.74
N GLY B 344 -12.86 30.33 10.10
CA GLY B 344 -12.75 31.76 9.96
C GLY B 344 -11.76 32.29 11.00
N VAL B 345 -11.77 31.66 12.16
CA VAL B 345 -10.92 32.05 13.28
C VAL B 345 -9.44 32.03 12.99
N ALA B 346 -8.81 30.89 13.22
CA ALA B 346 -7.38 30.76 12.97
C ALA B 346 -7.06 31.46 11.63
N CYS B 347 -6.18 32.46 11.69
CA CYS B 347 -5.75 33.27 10.55
C CYS B 347 -6.42 34.62 10.54
N ASN B 348 -6.81 35.07 11.73
CA ASN B 348 -7.48 36.35 11.94
C ASN B 348 -6.79 36.96 13.17
N PRO B 349 -5.85 37.90 12.96
CA PRO B 349 -5.43 38.40 11.65
C PRO B 349 -4.36 37.54 10.99
N ALA B 350 -3.37 37.15 11.79
CA ALA B 350 -2.27 36.35 11.30
C ALA B 350 -2.40 34.87 11.59
N CYS B 351 -1.55 34.10 10.94
CA CYS B 351 -1.53 32.65 11.09
C CYS B 351 -0.11 32.24 10.91
N PHE B 352 0.36 31.33 11.76
CA PHE B 352 1.72 30.84 11.60
C PHE B 352 1.69 29.34 11.41
N ILE B 353 1.52 28.97 10.14
CA ILE B 353 1.43 27.59 9.70
C ILE B 353 2.78 26.93 9.58
N THR B 354 2.90 25.71 10.10
CA THR B 354 4.16 25.00 10.00
C THR B 354 3.88 23.55 9.63
N GLN B 355 4.34 23.13 8.45
CA GLN B 355 4.12 21.75 8.04
C GLN B 355 4.67 20.87 9.13
N LEU B 356 3.95 19.80 9.45
CA LEU B 356 4.37 18.92 10.54
C LEU B 356 4.43 17.48 10.02
N LEU B 357 3.97 17.31 8.79
CA LEU B 357 3.90 16.02 8.11
C LEU B 357 3.65 16.26 6.62
N PRO B 358 4.41 15.58 5.76
CA PRO B 358 5.45 14.61 6.03
C PRO B 358 6.86 15.14 6.33
N VAL B 359 7.01 16.41 6.68
CA VAL B 359 8.37 16.87 6.90
C VAL B 359 8.65 17.94 7.95
N LYS B 360 7.65 18.33 8.73
CA LYS B 360 7.87 19.35 9.77
C LYS B 360 8.73 20.47 9.20
N ARG B 361 8.11 21.37 8.44
CA ARG B 361 8.81 22.49 7.86
C ARG B 361 8.26 23.73 8.54
N LYS B 362 8.80 24.89 8.22
CA LYS B 362 8.35 26.12 8.84
C LYS B 362 7.86 27.07 7.75
N LEU B 363 6.56 27.12 7.50
CA LEU B 363 6.04 28.04 6.49
C LEU B 363 5.89 29.39 7.17
N GLY B 364 5.96 30.47 6.39
CA GLY B 364 5.86 31.81 6.96
C GLY B 364 4.60 32.16 7.75
N PHE B 365 4.24 33.45 7.71
CA PHE B 365 3.05 33.94 8.40
C PHE B 365 1.96 34.13 7.36
N TYR B 366 0.74 33.82 7.73
CA TYR B 366 -0.36 33.97 6.78
C TYR B 366 -1.45 34.91 7.28
N GLU B 367 -1.84 35.87 6.44
CA GLU B 367 -2.89 36.81 6.80
C GLU B 367 -4.24 36.21 6.49
N TRP B 368 -5.28 36.82 7.02
CA TRP B 368 -6.62 36.34 6.78
C TRP B 368 -6.81 36.26 5.28
N THR B 369 -6.38 37.30 4.59
CA THR B 369 -6.51 37.35 3.14
C THR B 369 -5.77 36.20 2.45
N SER B 370 -4.49 36.06 2.77
CA SER B 370 -3.56 35.06 2.22
C SER B 370 -4.11 33.74 1.67
N ARG B 371 -3.38 33.20 0.70
CA ARG B 371 -3.71 31.93 0.05
C ARG B 371 -2.60 30.89 0.32
N LEU B 372 -2.99 29.70 0.78
CA LEU B 372 -2.02 28.65 1.06
C LEU B 372 -2.10 27.61 -0.03
N ARG B 373 -0.94 27.11 -0.45
CA ARG B 373 -0.82 26.10 -1.50
C ARG B 373 0.22 25.05 -1.18
N SER B 374 -0.18 23.78 -1.22
CA SER B 374 0.75 22.71 -0.94
C SER B 374 0.52 21.47 -1.81
N HIS B 375 1.60 20.89 -2.30
CA HIS B 375 1.53 19.69 -3.13
C HIS B 375 1.36 18.45 -2.24
N ILE B 376 0.51 17.51 -2.67
CA ILE B 376 0.26 16.31 -1.88
C ILE B 376 0.47 15.00 -2.65
N ASN B 377 1.21 14.09 -2.05
CA ASN B 377 1.51 12.80 -2.67
C ASN B 377 0.28 11.91 -2.74
N PRO B 378 0.17 11.09 -3.80
CA PRO B 378 -0.97 10.19 -3.95
C PRO B 378 -1.19 9.37 -2.69
N THR B 379 -2.45 9.24 -2.29
CA THR B 379 -2.85 8.50 -1.11
C THR B 379 -2.06 9.04 0.08
N GLY B 380 -1.46 10.21 -0.09
CA GLY B 380 -0.69 10.77 1.00
C GLY B 380 -1.47 11.82 1.75
N THR B 381 -0.82 12.46 2.71
CA THR B 381 -1.45 13.51 3.53
C THR B 381 -0.45 14.59 3.95
N VAL B 382 -0.94 15.80 4.17
CA VAL B 382 -0.09 16.91 4.63
C VAL B 382 -0.76 17.44 5.90
N LEU B 383 0.00 17.41 7.00
CA LEU B 383 -0.54 17.85 8.28
C LEU B 383 0.08 19.18 8.65
N LEU B 384 -0.77 20.17 8.89
CA LEU B 384 -0.29 21.52 9.23
C LEU B 384 -0.82 21.98 10.56
N GLN B 385 -0.10 22.88 11.20
CA GLN B 385 -0.53 23.42 12.48
C GLN B 385 -0.53 24.91 12.38
N LEU B 386 -1.72 25.50 12.48
CA LEU B 386 -1.91 26.93 12.39
C LEU B 386 -1.96 27.55 13.77
N GLU B 387 -1.20 28.62 13.96
CA GLU B 387 -1.12 29.34 15.23
C GLU B 387 -1.63 30.73 14.98
N ASN B 388 -2.37 31.30 15.93
CA ASN B 388 -2.89 32.64 15.73
C ASN B 388 -2.04 33.68 16.46
N THR B 389 -1.57 34.68 15.72
CA THR B 389 -0.79 35.75 16.32
C THR B 389 -1.17 37.07 15.65
N MET B 390 -0.20 37.98 15.58
CA MET B 390 -0.45 39.28 14.95
C MET B 390 0.86 40.01 14.68
N GLN B 391 1.73 39.40 13.88
CA GLN B 391 3.04 40.00 13.57
C GLN B 391 2.95 41.27 12.72
C1 NAG C . 11.13 -7.39 -41.45
C2 NAG C . 12.41 -7.10 -40.63
C3 NAG C . 13.47 -8.18 -40.85
C4 NAG C . 12.87 -9.57 -40.65
C5 NAG C . 11.66 -9.73 -41.55
C6 NAG C . 11.01 -11.08 -41.38
C7 NAG C . 13.16 -4.86 -40.10
C8 NAG C . 13.71 -3.53 -40.58
N2 NAG C . 12.94 -5.80 -41.02
O3 NAG C . 14.53 -8.01 -39.90
O4 NAG C . 13.83 -10.60 -40.97
O5 NAG C . 10.68 -8.73 -41.20
O6 NAG C . 10.94 -11.47 -40.02
O7 NAG C . 12.94 -5.04 -38.91
C1 NAG C . 14.52 -11.09 -39.88
C2 NAG C . 14.90 -12.56 -40.10
C3 NAG C . 15.78 -13.04 -38.93
C4 NAG C . 16.94 -12.08 -38.62
C5 NAG C . 16.45 -10.63 -38.57
C6 NAG C . 17.58 -9.63 -38.48
C7 NAG C . 13.29 -13.92 -41.30
C8 NAG C . 12.03 -14.77 -41.22
N2 NAG C . 13.71 -13.39 -40.15
O3 NAG C . 16.30 -14.31 -39.24
O4 NAG C . 17.51 -12.40 -37.33
O5 NAG C . 15.70 -10.31 -39.76
O6 NAG C . 18.59 -10.07 -37.57
O7 NAG C . 13.87 -13.74 -42.38
C1 MAN C . 18.52 -13.32 -37.27
C2 MAN C . 19.45 -12.96 -36.09
C3 MAN C . 20.49 -14.06 -35.91
C4 MAN C . 19.78 -15.40 -35.73
C5 MAN C . 18.83 -15.68 -36.90
C6 MAN C . 17.98 -16.92 -36.64
O2 MAN C . 18.68 -12.82 -34.90
O3 MAN C . 21.37 -13.87 -34.77
O4 MAN C . 20.74 -16.44 -35.64
O5 MAN C . 17.90 -14.59 -37.04
O6 MAN C . 18.22 -17.40 -35.31
C1 MAN C . 21.39 -12.71 -33.98
C2 MAN C . 22.15 -11.58 -34.72
C3 MAN C . 23.62 -12.01 -34.96
C4 MAN C . 24.29 -12.52 -33.65
C5 MAN C . 23.39 -13.53 -32.92
C6 MAN C . 23.90 -13.96 -31.56
O2 MAN C . 22.13 -10.39 -33.93
O3 MAN C . 24.36 -10.91 -35.49
O4 MAN C . 25.52 -13.14 -33.98
O5 MAN C . 22.06 -12.96 -32.74
O6 MAN C . 24.21 -12.87 -30.72
C1 MAN C . 17.06 -17.50 -34.51
C2 MAN C . 17.25 -16.65 -33.23
C3 MAN C . 18.33 -17.26 -32.30
C4 MAN C . 18.07 -18.76 -32.05
C5 MAN C . 17.87 -19.47 -33.40
C6 MAN C . 17.55 -20.96 -33.27
O2 MAN C . 16.01 -16.57 -32.53
O3 MAN C . 18.34 -16.57 -31.07
O4 MAN C . 19.20 -19.32 -31.38
O5 MAN C . 16.79 -18.86 -34.14
O6 MAN C . 16.37 -21.18 -32.51
C1 NAG D . -4.50 -17.72 -35.62
C2 NAG D . -5.25 -19.03 -35.86
C3 NAG D . -4.27 -20.07 -36.40
C4 NAG D . -3.56 -19.55 -37.64
C5 NAG D . -2.92 -18.19 -37.36
C6 NAG D . -2.27 -17.54 -38.57
C7 NAG D . -7.12 -19.78 -34.54
C8 NAG D . -7.64 -20.26 -33.19
N2 NAG D . -5.83 -19.49 -34.61
O3 NAG D . -4.95 -21.27 -36.70
O4 NAG D . -2.54 -20.49 -38.03
O5 NAG D . -3.91 -17.26 -36.86
O6 NAG D . -2.91 -17.93 -39.78
O7 NAG D . -7.89 -19.68 -35.49
C1 NAG D . -2.46 -20.79 -39.38
C2 NAG D . -1.13 -21.49 -39.67
C3 NAG D . -1.06 -21.89 -41.15
C4 NAG D . -2.30 -22.72 -41.54
C5 NAG D . -3.59 -21.96 -41.15
C6 NAG D . -4.87 -22.74 -41.42
C7 NAG D . 0.84 -20.91 -38.41
C8 NAG D . 1.94 -19.89 -38.13
N2 NAG D . -0.03 -20.58 -39.35
O3 NAG D . 0.12 -22.63 -41.40
O4 NAG D . -2.30 -22.98 -42.93
O5 NAG D . -3.56 -21.65 -39.73
O6 NAG D . -5.84 -21.94 -42.09
O7 NAG D . 0.79 -21.95 -37.77
C1 NAG E . -25.52 -18.04 26.66
C2 NAG E . -26.58 -16.95 26.45
C3 NAG E . -27.70 -17.26 27.43
C4 NAG E . -28.27 -18.65 27.17
C5 NAG E . -27.18 -19.76 27.00
C6 NAG E . -27.77 -20.97 26.28
C7 NAG E . -25.79 -14.84 25.69
C8 NAG E . -25.26 -13.46 26.02
N2 NAG E . -26.04 -15.64 26.71
O3 NAG E . -28.73 -16.30 27.25
O4 NAG E . -29.15 -19.00 28.24
O5 NAG E . -26.06 -19.30 26.20
O6 NAG E . -28.46 -20.55 25.07
O7 NAG E . -25.96 -15.17 24.51
C1 NAG E . -30.48 -18.85 27.94
C2 NAG E . -31.33 -19.89 28.66
C3 NAG E . -32.76 -19.75 28.12
C4 NAG E . -33.27 -18.29 28.26
C5 NAG E . -32.23 -17.26 27.78
C6 NAG E . -32.56 -15.84 28.22
C7 NAG E . -30.29 -21.92 29.43
C8 NAG E . -29.76 -23.31 29.10
N2 NAG E . -30.80 -21.22 28.41
O3 NAG E . -33.61 -20.64 28.81
O4 NAG E . -34.46 -18.13 27.46
O5 NAG E . -30.92 -17.55 28.32
O6 NAG E . -32.44 -15.72 29.64
O7 NAG E . -30.25 -21.50 30.58
C1 MAN E . -35.67 -17.96 28.11
C2 MAN E . -36.69 -17.40 27.11
C3 MAN E . -38.17 -17.55 27.51
C4 MAN E . -38.47 -18.84 28.29
C5 MAN E . -37.38 -19.16 29.28
C6 MAN E . -37.61 -20.49 29.99
O2 MAN E . -36.48 -18.04 25.84
O3 MAN E . -38.89 -17.61 26.27
O4 MAN E . -39.69 -18.67 29.02
O5 MAN E . -36.12 -19.26 28.60
O6 MAN E . -36.95 -20.56 31.28
C1 MAN E . -40.12 -16.95 26.05
C2 MAN E . -41.11 -17.16 27.23
C3 MAN E . -41.67 -18.61 27.29
C4 MAN E . -42.01 -19.21 25.90
C5 MAN E . -40.89 -18.88 24.92
C6 MAN E . -40.99 -19.42 23.49
O2 MAN E . -42.17 -16.23 27.14
O3 MAN E . -42.81 -18.66 28.13
O4 MAN E . -42.14 -20.62 26.03
O5 MAN E . -40.72 -17.46 24.86
O6 MAN E . -42.06 -18.84 22.78
C1 MAN E . -36.19 -19.41 31.58
C2 MAN E . -34.77 -19.80 32.03
C3 MAN E . -34.71 -20.20 33.51
C4 MAN E . -35.41 -19.15 34.38
C5 MAN E . -36.85 -18.97 33.88
C6 MAN E . -37.60 -17.93 34.66
O2 MAN E . -33.88 -18.70 31.80
O3 MAN E . -33.35 -20.34 33.93
O4 MAN E . -35.42 -19.58 35.73
O5 MAN E . -36.83 -18.52 32.50
O6 MAN E . -36.99 -16.65 34.51
C1 FUC E . -28.45 -21.44 23.96
C2 FUC E . -27.25 -22.43 23.98
C3 FUC E . -27.47 -23.55 24.99
C4 FUC E . -28.83 -24.24 24.75
C5 FUC E . -29.96 -23.18 24.76
C6 FUC E . -31.31 -23.78 24.43
O2 FUC E . -26.05 -21.73 24.27
O3 FUC E . -26.41 -24.50 24.91
O4 FUC E . -28.82 -24.93 23.52
O5 FUC E . -29.69 -22.14 23.78
C1 NAG F . -16.58 5.65 40.06
C2 NAG F . -15.10 6.08 40.15
C3 NAG F . -14.90 7.50 40.72
C4 NAG F . -15.91 8.48 40.11
C5 NAG F . -17.31 7.91 40.26
C6 NAG F . -18.39 8.83 39.73
C7 NAG F . -13.37 4.45 40.53
C8 NAG F . -12.71 3.46 41.49
N2 NAG F . -14.41 5.13 40.99
O3 NAG F . -13.58 7.95 40.46
O4 NAG F . -15.83 9.76 40.75
O5 NAG F . -17.40 6.69 39.51
O6 NAG F . -18.62 8.60 38.35
O7 NAG F . -12.95 4.58 39.37
C1 NAG F . -15.41 10.81 39.96
C2 NAG F . -16.05 12.11 40.45
C3 NAG F . -15.60 13.28 39.57
C4 NAG F . -14.06 13.30 39.48
C5 NAG F . -13.47 11.92 39.12
C6 NAG F . -11.95 11.86 39.21
C7 NAG F . -18.18 12.02 41.52
C8 NAG F . -19.68 11.85 41.40
N2 NAG F . -17.48 11.95 40.41
O3 NAG F . -16.07 14.50 40.11
O4 NAG F . -13.66 14.27 38.49
O5 NAG F . -13.98 10.90 40.01
O6 NAG F . -11.39 13.05 39.75
O7 NAG F . -17.67 12.23 42.62
C1 MAN F . -12.83 15.25 38.99
C2 MAN F . -12.03 15.93 37.87
C3 MAN F . -11.08 16.90 38.58
C4 MAN F . -11.91 17.92 39.39
C5 MAN F . -12.80 17.16 40.40
C6 MAN F . -13.74 18.04 41.18
O2 MAN F . -12.91 16.65 37.02
O3 MAN F . -10.16 17.56 37.66
O4 MAN F . -11.06 18.81 40.08
O5 MAN F . -13.62 16.19 39.70
O6 MAN F . -15.05 17.50 41.22
C1 MAN F . -9.11 18.21 38.33
C2 MAN F . -7.86 18.35 37.47
C3 MAN F . -7.02 17.06 37.43
C4 MAN F . -6.88 16.40 38.81
C5 MAN F . -8.25 16.28 39.46
C6 MAN F . -8.28 15.62 40.84
O2 MAN F . -7.04 19.39 38.00
O3 MAN F . -5.72 17.38 36.96
O4 MAN F . -6.29 15.12 38.68
O5 MAN F . -8.80 17.60 39.59
O6 MAN F . -7.05 15.76 41.52
C1 NAG G . -29.93 8.61 25.68
C2 NAG G . -31.37 9.05 25.38
C3 NAG G . -31.72 10.33 26.18
C4 NAG G . -31.38 10.20 27.68
C5 NAG G . -29.94 9.68 27.83
C6 NAG G . -29.55 9.39 29.27
C7 NAG G . -32.48 8.80 23.24
C8 NAG G . -32.52 9.18 21.77
N2 NAG G . -31.50 9.35 23.96
O3 NAG G . -33.11 10.61 26.04
O4 NAG G . -31.51 11.51 28.28
O5 NAG G . -29.75 8.45 27.09
O6 NAG G . -29.03 8.08 29.44
O7 NAG G . -33.31 8.01 23.71
C1 NAG G . -32.30 11.66 29.42
C2 NAG G . -31.51 12.52 30.44
C3 NAG G . -32.38 12.93 31.65
C4 NAG G . -33.69 13.56 31.18
C5 NAG G . -34.39 12.63 30.17
C6 NAG G . -35.66 13.26 29.61
C7 NAG G . -29.13 12.25 30.69
C8 NAG G . -27.96 11.41 31.20
N2 NAG G . -30.35 11.77 30.90
O3 NAG G . -31.66 13.87 32.45
O4 NAG G . -34.55 13.79 32.29
O5 NAG G . -33.51 12.34 29.05
O6 NAG G . -36.11 14.35 30.41
O7 NAG G . -28.92 13.32 30.11
C1 NAG H . -13.35 7.86 -37.77
C2 NAG H . -13.77 6.43 -38.14
C3 NAG H . -14.52 6.42 -39.47
C4 NAG H . -15.73 7.37 -39.39
C5 NAG H . -15.23 8.79 -39.00
C6 NAG H . -16.33 9.86 -38.89
C7 NAG H . -12.48 4.54 -37.40
C8 NAG H . -11.23 3.70 -37.54
N2 NAG H . -12.60 5.58 -38.21
O3 NAG H . -14.95 5.11 -39.79
O4 NAG H . -16.42 7.40 -40.63
O5 NAG H . -14.51 8.73 -37.73
O6 NAG H . -17.60 9.32 -38.48
O7 NAG H . -13.31 4.25 -36.55
C1 EDO I . -2.21 5.27 -21.60
O1 EDO I . -1.48 4.35 -22.40
C2 EDO I . -3.72 4.92 -21.62
O2 EDO I . -3.98 3.75 -22.45
C1 EDO J . 25.52 -24.85 1.55
O1 EDO J . 26.50 -24.10 0.80
C2 EDO J . 24.76 -23.94 2.58
O2 EDO J . 25.22 -22.57 2.54
C1 EDO K . -11.60 -7.76 18.74
O1 EDO K . -10.52 -8.29 19.50
C2 EDO K . -11.38 -8.21 17.31
O2 EDO K . -12.48 -9.02 16.91
C1 EDO L . 17.57 -6.46 17.08
O1 EDO L . 16.38 -6.75 17.83
C2 EDO L . 17.44 -7.01 15.63
O2 EDO L . 16.16 -7.66 15.42
#